data_4FNN
#
_entry.id   4FNN
#
_cell.length_a   89.309
_cell.length_b   101.436
_cell.length_c   162.984
_cell.angle_alpha   90.00
_cell.angle_beta   90.00
_cell.angle_gamma   90.00
#
_symmetry.space_group_name_H-M   'I 2 2 2'
#
loop_
_entity.id
_entity.type
_entity.pdbx_description
1 polymer 'Peptidoglycan recognition protein 1'
2 non-polymer 'STEARIC ACID'
3 water water
#
_entity_poly.entity_id   1
_entity_poly.type   'polypeptide(L)'
_entity_poly.pdbx_seq_one_letter_code
;EDPPACGSIVPRREWRALASECRERLTRPVRYVVVSHTAGSHCDTPASCAQQAQNVQSYHVRNLGWCDVGYNFLIGEDGL
VYEGRGWNIKGAHAGPTWNPISIGISFMGNYMNRVPPPRALRAAQNLLACGVALGALRSNYEVKGHRDVQPTLSPGDRLY
EIIQTWSHYRA
;
_entity_poly.pdbx_strand_id   A,B,C,D
#
loop_
_chem_comp.id
_chem_comp.type
_chem_comp.name
_chem_comp.formula
STE non-polymer 'STEARIC ACID' 'C18 H36 O2'
#
# COMPACT_ATOMS: atom_id res chain seq x y z
N GLU A 1 24.48 5.80 14.83
CA GLU A 1 23.09 5.47 14.39
C GLU A 1 22.89 5.83 12.91
N ASP A 2 22.73 4.79 12.09
CA ASP A 2 22.57 4.94 10.64
C ASP A 2 21.10 5.17 10.27
N PRO A 3 20.81 5.40 8.97
CA PRO A 3 19.43 5.31 8.49
C PRO A 3 19.05 3.86 8.16
N PRO A 4 18.02 3.31 8.85
CA PRO A 4 17.55 1.94 8.65
C PRO A 4 16.23 1.82 7.87
N ALA A 5 16.04 0.79 7.03
CA ALA A 5 17.08 -0.19 6.73
C ALA A 5 17.95 0.27 5.54
N CYS A 6 17.50 0.19 4.28
CA CYS A 6 16.36 -0.58 3.77
C CYS A 6 16.62 -0.87 2.29
N GLY A 7 16.64 -2.15 1.94
CA GLY A 7 16.87 -2.57 0.56
C GLY A 7 18.28 -2.37 0.16
N SER A 8 18.60 -2.96 -0.99
CA SER A 8 19.95 -2.98 -1.52
C SER A 8 19.97 -2.30 -2.88
N ILE A 9 20.98 -1.44 -3.05
CA ILE A 9 21.16 -0.63 -4.25
C ILE A 9 22.64 -0.55 -4.66
N VAL A 10 22.89 -0.64 -5.96
CA VAL A 10 24.21 -0.47 -6.52
C VAL A 10 24.53 1.03 -6.53
N PRO A 11 25.47 1.48 -5.68
CA PRO A 11 25.86 2.88 -5.60
C PRO A 11 26.37 3.46 -6.93
N ARG A 12 26.30 4.78 -7.05
CA ARG A 12 26.90 5.54 -8.18
C ARG A 12 28.34 5.15 -8.53
N ARG A 13 29.21 5.10 -7.52
CA ARG A 13 30.59 4.79 -7.83
C ARG A 13 30.80 3.35 -8.30
N GLU A 14 29.97 2.44 -7.82
CA GLU A 14 30.03 1.03 -8.24
C GLU A 14 29.74 0.82 -9.73
N TRP A 15 28.78 1.57 -10.28
CA TRP A 15 28.57 1.56 -11.73
C TRP A 15 29.34 2.67 -12.45
N ARG A 16 30.32 3.24 -11.75
CA ARG A 16 31.25 4.30 -12.30
C ARG A 16 30.56 5.51 -12.94
N ALA A 17 29.59 6.04 -12.21
CA ALA A 17 28.80 7.17 -12.74
C ALA A 17 29.59 8.41 -12.65
N LEU A 18 29.31 9.36 -13.52
CA LEU A 18 29.96 10.66 -13.44
C LEU A 18 29.35 11.36 -12.28
N ALA A 19 30.06 12.35 -11.72
CA ALA A 19 29.55 13.08 -10.57
C ALA A 19 28.35 13.92 -11.00
N SER A 20 27.34 13.98 -10.15
CA SER A 20 26.11 14.67 -10.47
C SER A 20 26.32 16.17 -10.25
N GLU A 21 25.65 17.01 -11.06
CA GLU A 21 25.66 18.46 -10.82
C GLU A 21 24.31 18.96 -10.36
N CYS A 22 23.41 18.02 -10.06
CA CYS A 22 22.03 18.36 -9.70
C CYS A 22 21.92 18.82 -8.26
N ARG A 23 21.06 19.80 -7.99
CA ARG A 23 20.94 20.38 -6.65
C ARG A 23 19.49 20.57 -6.20
N GLU A 24 18.57 20.72 -7.16
CA GLU A 24 17.12 20.89 -6.82
C GLU A 24 16.60 19.66 -6.07
N ARG A 25 16.14 19.92 -4.85
CA ARG A 25 15.65 18.85 -3.98
C ARG A 25 14.16 18.59 -4.20
N LEU A 26 13.78 17.31 -4.09
CA LEU A 26 12.40 16.90 -3.91
C LEU A 26 12.00 17.22 -2.47
N THR A 27 10.70 17.46 -2.25
CA THR A 27 10.12 17.65 -0.89
C THR A 27 9.62 16.32 -0.35
N ARG A 28 10.27 15.75 0.65
CA ARG A 28 9.77 14.45 1.15
C ARG A 28 8.57 14.65 2.07
N PRO A 29 7.72 13.64 2.16
CA PRO A 29 7.80 12.42 1.38
C PRO A 29 7.07 12.60 0.03
N VAL A 30 7.52 11.90 -1.03
CA VAL A 30 6.98 12.06 -2.39
C VAL A 30 5.70 11.24 -2.53
N ARG A 31 4.67 11.82 -3.15
CA ARG A 31 3.41 11.12 -3.36
C ARG A 31 3.49 10.17 -4.55
N TYR A 32 4.27 10.50 -5.59
CA TYR A 32 4.24 9.71 -6.86
C TYR A 32 5.44 8.99 -7.30
N VAL A 33 5.18 7.87 -7.98
CA VAL A 33 6.25 7.12 -8.62
C VAL A 33 5.93 6.89 -10.09
N VAL A 34 6.86 7.23 -10.99
CA VAL A 34 6.64 7.05 -12.40
C VAL A 34 7.54 6.00 -12.98
N VAL A 35 6.95 5.04 -13.67
CA VAL A 35 7.69 3.90 -14.23
C VAL A 35 7.87 4.07 -15.73
N SER A 36 9.12 4.02 -16.15
CA SER A 36 9.49 4.18 -17.54
C SER A 36 10.34 2.99 -17.93
N HIS A 37 10.58 2.85 -19.24
CA HIS A 37 11.72 2.06 -19.66
C HIS A 37 12.63 3.03 -20.34
N THR A 38 13.85 2.58 -20.64
CA THR A 38 14.83 3.37 -21.36
C THR A 38 14.76 3.20 -22.86
N ALA A 39 14.08 2.16 -23.34
CA ALA A 39 14.07 1.84 -24.79
C ALA A 39 15.49 1.61 -25.26
N GLY A 40 16.36 1.30 -24.29
CA GLY A 40 17.75 0.92 -24.57
C GLY A 40 18.01 -0.56 -24.69
N SER A 41 19.23 -0.91 -25.10
CA SER A 41 19.73 -2.29 -25.01
C SER A 41 19.49 -2.71 -23.60
N HIS A 42 19.14 -3.96 -23.39
CA HIS A 42 18.93 -4.52 -22.05
C HIS A 42 20.17 -5.27 -21.50
N CYS A 43 20.10 -5.82 -20.29
CA CYS A 43 21.28 -6.52 -19.74
C CYS A 43 20.93 -7.44 -18.58
N ASP A 44 21.75 -8.47 -18.39
CA ASP A 44 21.42 -9.51 -17.43
C ASP A 44 22.64 -9.96 -16.61
N THR A 45 23.75 -9.24 -16.72
CA THR A 45 24.83 -9.46 -15.77
C THR A 45 25.01 -8.17 -14.98
N PRO A 46 25.39 -8.29 -13.68
CA PRO A 46 25.80 -7.15 -12.89
C PRO A 46 26.78 -6.24 -13.62
N ALA A 47 27.63 -6.88 -14.39
CA ALA A 47 28.65 -6.14 -15.07
C ALA A 47 28.10 -5.42 -16.30
N SER A 48 27.09 -6.03 -16.93
CA SER A 48 26.63 -5.57 -18.22
C SER A 48 25.64 -4.46 -18.01
N CYS A 49 24.91 -4.53 -16.89
CA CYS A 49 23.97 -3.52 -16.39
C CYS A 49 24.63 -2.31 -15.77
N ALA A 50 25.81 -2.48 -15.17
CA ALA A 50 26.50 -1.32 -14.67
C ALA A 50 26.92 -0.50 -15.88
N GLN A 51 27.42 -1.21 -16.89
CA GLN A 51 27.74 -0.63 -18.18
C GLN A 51 26.56 0.10 -18.83
N GLN A 52 25.38 -0.50 -18.76
CA GLN A 52 24.25 0.13 -19.46
C GLN A 52 23.90 1.44 -18.72
N ALA A 53 23.95 1.38 -17.39
CA ALA A 53 23.66 2.56 -16.61
C ALA A 53 24.60 3.73 -17.00
N GLN A 54 25.89 3.45 -17.09
CA GLN A 54 26.84 4.45 -17.55
C GLN A 54 26.46 4.99 -18.91
N ASN A 55 25.99 4.14 -19.80
CA ASN A 55 25.60 4.59 -21.16
C ASN A 55 24.43 5.48 -21.11
N VAL A 56 23.47 5.12 -20.29
CA VAL A 56 22.28 5.96 -20.22
C VAL A 56 22.62 7.30 -19.57
N GLN A 57 23.29 7.29 -18.42
CA GLN A 57 23.76 8.53 -17.82
C GLN A 57 24.56 9.33 -18.87
N SER A 58 25.36 8.62 -19.63
CA SER A 58 26.24 9.25 -20.57
C SER A 58 25.38 9.97 -21.65
N TYR A 59 24.32 9.31 -22.08
CA TYR A 59 23.47 9.95 -23.04
C TYR A 59 22.85 11.21 -22.42
N HIS A 60 22.31 11.10 -21.22
CA HIS A 60 21.61 12.22 -20.61
C HIS A 60 22.42 13.46 -20.39
N VAL A 61 23.62 13.24 -19.85
CA VAL A 61 24.58 14.31 -19.54
C VAL A 61 25.34 14.86 -20.75
N ARG A 62 25.90 13.96 -21.56
CA ARG A 62 26.73 14.39 -22.70
C ARG A 62 25.89 14.94 -23.87
N ASN A 63 24.77 14.30 -24.16
CA ASN A 63 23.98 14.74 -25.30
C ASN A 63 22.76 15.57 -24.94
N LEU A 64 22.16 15.25 -23.83
CA LEU A 64 21.02 16.06 -23.44
C LEU A 64 21.37 17.24 -22.49
N GLY A 65 22.58 17.26 -21.92
CA GLY A 65 23.04 18.37 -21.08
C GLY A 65 22.46 18.41 -19.68
N TRP A 66 21.92 17.28 -19.24
CA TRP A 66 21.35 17.24 -17.89
C TRP A 66 22.41 17.17 -16.82
N CYS A 67 22.00 17.38 -15.58
CA CYS A 67 22.97 17.56 -14.51
C CYS A 67 23.44 16.20 -14.11
N ASP A 68 22.74 15.17 -14.59
CA ASP A 68 22.95 13.77 -14.20
C ASP A 68 21.95 12.92 -14.97
N VAL A 69 22.05 11.61 -14.82
CA VAL A 69 21.08 10.67 -15.30
C VAL A 69 19.71 11.16 -14.84
N GLY A 70 18.75 11.06 -15.76
CA GLY A 70 17.42 11.60 -15.55
C GLY A 70 16.66 10.85 -14.49
N TYR A 71 16.92 9.55 -14.36
CA TYR A 71 16.12 8.74 -13.49
C TYR A 71 16.59 8.81 -12.04
N ASN A 72 15.66 8.65 -11.12
CA ASN A 72 16.06 8.53 -9.72
C ASN A 72 16.78 7.19 -9.41
N PHE A 73 16.26 6.11 -10.02
CA PHE A 73 16.80 4.77 -9.91
C PHE A 73 16.67 4.04 -11.23
N LEU A 74 17.63 3.19 -11.58
CA LEU A 74 17.42 2.28 -12.75
C LEU A 74 17.39 0.80 -12.37
N ILE A 75 16.73 0.01 -13.22
CA ILE A 75 16.56 -1.40 -12.92
C ILE A 75 17.20 -2.24 -13.99
N GLY A 76 18.00 -3.21 -13.57
CA GLY A 76 18.57 -4.15 -14.53
C GLY A 76 17.80 -5.45 -14.52
N GLU A 77 17.83 -6.18 -15.62
CA GLU A 77 17.29 -7.55 -15.58
C GLU A 77 18.16 -8.50 -14.72
N ASP A 78 19.19 -7.97 -14.09
CA ASP A 78 20.14 -8.75 -13.29
C ASP A 78 19.58 -8.82 -11.90
N GLY A 79 18.44 -8.18 -11.73
CA GLY A 79 17.78 -8.17 -10.45
C GLY A 79 18.25 -7.09 -9.52
N LEU A 80 19.13 -6.20 -10.01
CA LEU A 80 19.71 -5.17 -9.16
C LEU A 80 19.19 -3.77 -9.44
N VAL A 81 19.02 -2.99 -8.37
CA VAL A 81 18.69 -1.59 -8.53
C VAL A 81 19.92 -0.76 -8.61
N TYR A 82 19.99 0.06 -9.65
CA TYR A 82 21.03 1.05 -9.80
C TYR A 82 20.61 2.44 -9.34
N GLU A 83 21.35 2.98 -8.40
CA GLU A 83 21.08 4.34 -7.92
C GLU A 83 21.29 5.42 -9.00
N GLY A 84 20.29 6.24 -9.22
CA GLY A 84 20.42 7.42 -10.08
C GLY A 84 20.52 8.69 -9.23
N ARG A 85 19.61 9.65 -9.47
CA ARG A 85 19.57 10.83 -8.60
C ARG A 85 19.14 10.51 -7.16
N GLY A 86 18.56 9.32 -6.90
CA GLY A 86 18.27 8.88 -5.53
C GLY A 86 17.01 9.47 -4.98
N TRP A 87 16.79 9.37 -3.69
CA TRP A 87 15.49 9.69 -3.18
C TRP A 87 15.28 11.17 -3.06
N ASN A 88 16.36 11.93 -2.97
CA ASN A 88 16.26 13.31 -2.50
C ASN A 88 16.27 14.44 -3.53
N ILE A 89 16.76 14.11 -4.73
CA ILE A 89 16.98 15.03 -5.84
C ILE A 89 15.99 14.85 -6.99
N LYS A 90 15.46 15.94 -7.49
CA LYS A 90 14.52 15.91 -8.58
C LYS A 90 15.09 15.37 -9.88
N GLY A 91 14.39 14.43 -10.46
CA GLY A 91 14.87 13.82 -11.68
C GLY A 91 14.38 14.59 -12.87
N ALA A 92 14.79 14.19 -14.07
CA ALA A 92 14.23 14.66 -15.31
C ALA A 92 13.82 13.47 -16.13
N HIS A 93 12.58 13.04 -15.99
CA HIS A 93 12.08 11.84 -16.63
C HIS A 93 10.62 11.94 -16.99
N ALA A 94 9.93 12.94 -16.48
CA ALA A 94 8.52 12.97 -16.80
C ALA A 94 7.85 14.31 -17.05
N GLY A 95 8.58 15.28 -17.59
CA GLY A 95 7.99 16.57 -17.88
C GLY A 95 7.93 17.43 -16.63
N PRO A 96 7.85 18.77 -16.82
CA PRO A 96 8.10 19.76 -15.76
C PRO A 96 6.98 19.85 -14.73
N THR A 97 5.82 19.28 -15.05
CA THR A 97 4.76 19.08 -14.10
C THR A 97 5.04 17.91 -13.11
N TRP A 98 5.51 16.77 -13.62
CA TRP A 98 5.66 15.58 -12.79
C TRP A 98 7.04 15.40 -12.09
N ASN A 99 8.09 15.85 -12.77
CA ASN A 99 9.42 15.79 -12.22
C ASN A 99 9.50 16.35 -10.77
N PRO A 100 8.89 17.54 -10.48
CA PRO A 100 9.08 18.05 -9.13
C PRO A 100 8.35 17.28 -8.05
N ILE A 101 7.37 16.47 -8.41
CA ILE A 101 6.51 15.77 -7.45
C ILE A 101 6.63 14.20 -7.50
N SER A 102 7.61 13.62 -8.20
CA SER A 102 7.64 12.18 -8.37
C SER A 102 9.04 11.52 -8.22
N ILE A 103 9.04 10.19 -8.06
CA ILE A 103 10.27 9.44 -8.18
C ILE A 103 10.15 8.73 -9.53
N GLY A 104 11.09 8.91 -10.43
CA GLY A 104 11.04 8.10 -11.67
C GLY A 104 11.98 6.90 -11.63
N ILE A 105 11.44 5.68 -11.76
CA ILE A 105 12.32 4.54 -11.95
C ILE A 105 12.13 4.01 -13.37
N SER A 106 13.22 3.54 -13.96
CA SER A 106 13.24 3.17 -15.35
C SER A 106 13.87 1.82 -15.50
N PHE A 107 13.22 0.96 -16.25
CA PHE A 107 13.78 -0.39 -16.46
C PHE A 107 14.67 -0.31 -17.64
N MET A 108 15.92 -0.74 -17.53
CA MET A 108 16.86 -0.69 -18.66
C MET A 108 16.59 -1.68 -19.81
N GLY A 109 16.08 -1.17 -20.93
CA GLY A 109 15.75 -2.01 -22.08
C GLY A 109 14.49 -1.49 -22.74
N ASN A 110 14.03 -2.18 -23.77
CA ASN A 110 12.77 -1.88 -24.43
C ASN A 110 11.67 -2.95 -24.19
N TYR A 111 10.56 -2.53 -23.56
CA TYR A 111 9.52 -3.44 -23.08
C TYR A 111 8.20 -3.43 -23.84
N MET A 112 8.30 -3.26 -25.16
CA MET A 112 7.14 -3.34 -26.07
C MET A 112 6.68 -4.79 -26.28
N ASN A 113 7.70 -5.66 -26.43
CA ASN A 113 7.58 -7.07 -26.82
C ASN A 113 8.35 -7.99 -25.86
N ARG A 114 8.75 -7.45 -24.71
CA ARG A 114 9.40 -8.25 -23.70
C ARG A 114 8.89 -7.96 -22.31
N VAL A 115 9.12 -8.91 -21.44
CA VAL A 115 8.73 -8.78 -20.07
C VAL A 115 10.00 -8.58 -19.28
N PRO A 116 9.89 -7.81 -18.20
CA PRO A 116 11.04 -7.90 -17.32
C PRO A 116 10.89 -9.18 -16.52
N PRO A 117 12.02 -9.87 -16.30
CA PRO A 117 12.08 -11.11 -15.54
C PRO A 117 11.57 -10.77 -14.13
N PRO A 118 10.96 -11.73 -13.43
CA PRO A 118 10.44 -11.53 -12.04
C PRO A 118 11.39 -10.80 -11.04
N ARG A 119 12.70 -11.00 -11.17
CA ARG A 119 13.65 -10.37 -10.25
C ARG A 119 13.72 -8.82 -10.34
N ALA A 120 13.53 -8.30 -11.55
CA ALA A 120 13.47 -6.85 -11.75
C ALA A 120 12.18 -6.30 -11.14
N LEU A 121 11.06 -6.98 -11.41
CA LEU A 121 9.84 -6.64 -10.74
C LEU A 121 9.98 -6.61 -9.21
N ARG A 122 10.66 -7.61 -8.66
CA ARG A 122 10.86 -7.68 -7.19
C ARG A 122 11.68 -6.50 -6.72
N ALA A 123 12.81 -6.28 -7.35
CA ALA A 123 13.69 -5.16 -6.95
C ALA A 123 12.90 -3.85 -6.97
N ALA A 124 12.15 -3.66 -8.04
CA ALA A 124 11.43 -2.42 -8.19
C ALA A 124 10.46 -2.28 -7.05
N GLN A 125 9.71 -3.33 -6.77
CA GLN A 125 8.71 -3.25 -5.72
C GLN A 125 9.35 -3.10 -4.33
N ASN A 126 10.55 -3.65 -4.15
CA ASN A 126 11.20 -3.56 -2.86
C ASN A 126 11.83 -2.21 -2.66
N LEU A 127 12.45 -1.73 -3.73
CA LEU A 127 12.95 -0.33 -3.76
C LEU A 127 11.86 0.57 -3.23
N LEU A 128 10.62 0.28 -3.61
CA LEU A 128 9.56 1.21 -3.29
C LEU A 128 9.12 1.10 -1.86
N ALA A 129 8.99 -0.10 -1.44
CA ALA A 129 8.69 -0.39 -0.04
C ALA A 129 9.75 0.22 0.87
N CYS A 130 10.96 0.23 0.43
CA CYS A 130 12.04 0.79 1.24
C CYS A 130 12.13 2.31 1.14
N GLY A 131 11.53 2.88 0.10
CA GLY A 131 11.40 4.35 -0.05
C GLY A 131 10.42 4.73 1.01
N VAL A 132 9.41 3.89 1.17
CA VAL A 132 8.40 4.18 2.18
C VAL A 132 9.00 4.08 3.60
N ALA A 133 9.82 3.06 3.80
CA ALA A 133 10.38 2.79 5.11
C ALA A 133 11.18 4.02 5.53
N LEU A 134 11.95 4.56 4.59
CA LEU A 134 12.76 5.76 4.82
C LEU A 134 11.93 7.01 5.01
N GLY A 135 10.76 7.07 4.37
CA GLY A 135 9.90 8.23 4.49
C GLY A 135 10.18 9.16 3.35
N ALA A 136 10.79 8.60 2.32
CA ALA A 136 11.07 9.27 1.07
C ALA A 136 9.83 9.20 0.20
N LEU A 137 9.11 8.06 0.28
CA LEU A 137 7.75 7.91 -0.28
C LEU A 137 6.69 8.05 0.81
N ARG A 138 5.47 8.31 0.42
CA ARG A 138 4.42 8.32 1.37
C ARG A 138 3.96 6.93 1.55
N SER A 139 3.31 6.64 2.64
CA SER A 139 2.74 5.28 2.72
C SER A 139 1.57 5.04 1.71
N ASN A 140 0.68 6.01 1.58
CA ASN A 140 -0.33 5.93 0.55
C ASN A 140 0.16 6.49 -0.77
N TYR A 141 1.33 6.04 -1.22
CA TYR A 141 1.85 6.57 -2.45
C TYR A 141 1.20 5.91 -3.66
N GLU A 142 1.42 6.51 -4.84
CA GLU A 142 0.78 6.05 -6.07
C GLU A 142 1.74 5.95 -7.22
N VAL A 143 1.65 4.86 -7.97
CA VAL A 143 2.55 4.56 -9.08
C VAL A 143 1.85 4.82 -10.39
N LYS A 144 2.55 5.38 -11.37
CA LYS A 144 1.89 5.75 -12.60
C LYS A 144 2.80 5.29 -13.68
N GLY A 145 2.24 4.81 -14.79
CA GLY A 145 3.07 4.54 -15.94
C GLY A 145 3.55 5.88 -16.52
N HIS A 146 4.61 5.84 -17.31
CA HIS A 146 5.10 7.06 -17.89
C HIS A 146 4.03 7.57 -18.82
N ARG A 147 3.54 6.70 -19.70
CA ARG A 147 2.41 6.99 -20.61
C ARG A 147 1.17 7.51 -19.93
N ASP A 148 1.05 7.39 -18.61
CA ASP A 148 -0.16 7.93 -17.98
C ASP A 148 0.01 9.44 -17.74
N VAL A 149 1.26 9.92 -17.80
CA VAL A 149 1.53 11.31 -17.46
C VAL A 149 2.16 12.08 -18.62
N GLN A 150 2.59 11.35 -19.66
CA GLN A 150 3.12 11.93 -20.90
C GLN A 150 2.78 11.03 -22.08
N PRO A 151 2.62 11.61 -23.28
CA PRO A 151 2.37 10.80 -24.47
C PRO A 151 3.68 10.11 -24.89
N THR A 152 3.70 8.80 -24.72
CA THR A 152 4.92 8.06 -24.93
C THR A 152 4.43 6.66 -24.91
N LEU A 153 5.12 5.79 -25.63
CA LEU A 153 4.90 4.36 -25.47
C LEU A 153 5.46 3.88 -24.09
N SER A 154 6.48 4.58 -23.61
CA SER A 154 7.11 4.22 -22.32
C SER A 154 6.06 3.96 -21.26
N PRO A 155 6.18 2.90 -20.42
CA PRO A 155 7.31 1.98 -20.18
C PRO A 155 7.26 0.68 -20.98
N GLY A 156 6.53 0.67 -22.09
CA GLY A 156 6.44 -0.52 -22.95
C GLY A 156 5.11 -1.21 -22.66
N ASP A 157 4.41 -1.59 -23.72
CA ASP A 157 3.12 -2.26 -23.60
C ASP A 157 3.12 -3.41 -22.57
N ARG A 158 4.13 -4.29 -22.66
CA ARG A 158 4.14 -5.46 -21.81
C ARG A 158 4.28 -5.05 -20.37
N LEU A 159 5.17 -4.10 -20.14
CA LEU A 159 5.53 -3.74 -18.78
C LEU A 159 4.44 -2.83 -18.22
N TYR A 160 3.92 -1.94 -19.04
CA TYR A 160 2.77 -1.15 -18.64
C TYR A 160 1.70 -2.09 -18.16
N GLU A 161 1.40 -3.11 -18.98
CA GLU A 161 0.37 -4.07 -18.60
C GLU A 161 0.73 -4.63 -17.23
N ILE A 162 2.00 -5.00 -17.08
CA ILE A 162 2.41 -5.59 -15.82
C ILE A 162 2.13 -4.67 -14.64
N ILE A 163 2.52 -3.40 -14.73
CA ILE A 163 2.50 -2.51 -13.56
C ILE A 163 1.08 -2.03 -13.23
N GLN A 164 0.16 -2.24 -14.16
CA GLN A 164 -1.24 -1.99 -13.84
C GLN A 164 -1.76 -2.91 -12.72
N THR A 165 -1.01 -3.98 -12.41
CA THR A 165 -1.56 -4.91 -11.44
C THR A 165 -1.11 -4.59 -10.04
N TRP A 166 -0.38 -3.50 -9.88
CA TRP A 166 0.28 -3.25 -8.59
C TRP A 166 -0.68 -2.68 -7.58
N SER A 167 -0.50 -3.06 -6.32
CA SER A 167 -1.24 -2.50 -5.19
C SER A 167 -1.42 -0.97 -5.34
N HIS A 168 -0.35 -0.30 -5.74
CA HIS A 168 -0.28 1.13 -5.58
C HIS A 168 -0.62 1.93 -6.86
N TYR A 169 -0.89 1.21 -7.95
CA TYR A 169 -1.19 1.85 -9.23
C TYR A 169 -2.49 2.68 -9.26
N ARG A 170 -2.44 3.93 -9.72
CA ARG A 170 -3.60 4.79 -9.94
C ARG A 170 -3.35 5.38 -11.31
N ALA A 171 -4.27 5.15 -12.26
CA ALA A 171 -4.02 5.43 -13.70
C ALA A 171 -3.71 6.89 -13.94
N GLU B 1 -0.63 -2.87 0.46
CA GLU B 1 0.11 -1.61 0.15
C GLU B 1 1.52 -1.56 0.79
N ASP B 2 2.43 -2.48 0.43
CA ASP B 2 2.32 -3.41 -0.71
C ASP B 2 2.91 -4.82 -0.41
N PRO B 3 2.31 -5.90 -1.01
CA PRO B 3 3.00 -7.22 -1.05
C PRO B 3 4.08 -7.29 -2.16
N PRO B 4 4.99 -8.29 -2.11
CA PRO B 4 5.22 -9.15 -0.96
C PRO B 4 6.55 -8.96 -0.16
N ALA B 5 7.64 -9.68 -0.60
CA ALA B 5 8.87 -9.90 0.24
C ALA B 5 10.18 -9.04 0.09
N CYS B 6 10.60 -8.45 1.22
CA CYS B 6 11.84 -7.68 1.31
C CYS B 6 13.01 -8.48 0.78
N GLY B 7 14.19 -7.83 0.74
CA GLY B 7 15.48 -8.50 0.45
C GLY B 7 15.55 -9.18 -0.91
N SER B 8 14.48 -8.92 -1.71
CA SER B 8 14.24 -9.44 -3.05
C SER B 8 14.79 -10.81 -3.26
N ILE B 9 14.33 -11.75 -2.44
CA ILE B 9 14.84 -13.13 -2.46
C ILE B 9 14.38 -13.89 -3.70
N VAL B 10 15.31 -14.55 -4.41
CA VAL B 10 14.91 -15.49 -5.46
C VAL B 10 14.25 -16.69 -4.81
N PRO B 11 12.93 -16.89 -5.08
CA PRO B 11 12.13 -17.99 -4.52
C PRO B 11 12.60 -19.35 -5.06
N ARG B 12 12.41 -20.35 -4.20
CA ARG B 12 13.07 -21.66 -4.42
C ARG B 12 12.72 -22.20 -5.77
N ARG B 13 11.45 -22.08 -6.13
CA ARG B 13 10.96 -22.47 -7.43
C ARG B 13 11.63 -21.76 -8.64
N GLU B 14 11.97 -20.48 -8.48
CA GLU B 14 12.67 -19.77 -9.55
C GLU B 14 14.10 -20.31 -9.82
N TRP B 15 14.81 -20.88 -8.83
CA TRP B 15 16.10 -21.54 -9.17
C TRP B 15 16.00 -23.02 -9.45
N ARG B 16 14.77 -23.48 -9.60
CA ARG B 16 14.40 -24.87 -9.82
C ARG B 16 14.76 -25.82 -8.70
N ALA B 17 14.51 -25.37 -7.50
CA ALA B 17 14.72 -26.20 -6.33
C ALA B 17 13.89 -27.48 -6.44
N LEU B 18 14.49 -28.62 -6.14
CA LEU B 18 13.70 -29.79 -5.82
C LEU B 18 12.87 -29.41 -4.59
N ALA B 19 11.66 -29.95 -4.51
CA ALA B 19 10.76 -29.71 -3.38
C ALA B 19 11.42 -30.07 -2.00
N SER B 20 11.20 -29.26 -0.98
CA SER B 20 11.69 -29.59 0.36
C SER B 20 10.88 -30.65 1.12
N GLU B 21 11.52 -31.33 2.06
CA GLU B 21 10.83 -32.29 2.90
C GLU B 21 11.01 -32.02 4.37
N CYS B 22 11.69 -30.93 4.71
CA CYS B 22 11.98 -30.64 6.13
C CYS B 22 10.73 -30.24 6.89
N ARG B 23 10.76 -30.40 8.21
CA ARG B 23 9.62 -30.13 9.07
C ARG B 23 9.96 -29.50 10.41
N GLU B 24 11.21 -29.62 10.86
CA GLU B 24 11.52 -29.00 12.12
C GLU B 24 11.43 -27.48 11.97
N ARG B 25 10.51 -26.94 12.75
CA ARG B 25 10.28 -25.53 12.83
C ARG B 25 11.36 -24.86 13.65
N LEU B 26 11.76 -23.67 13.21
CA LEU B 26 12.66 -22.84 13.98
C LEU B 26 11.84 -21.93 14.86
N THR B 27 12.31 -21.72 16.10
CA THR B 27 11.64 -20.88 17.10
C THR B 27 11.97 -19.38 16.95
N ARG B 28 11.41 -18.69 15.95
CA ARG B 28 11.69 -17.25 15.82
C ARG B 28 11.06 -16.52 17.06
N PRO B 29 11.64 -15.40 17.56
CA PRO B 29 12.73 -14.59 17.03
C PRO B 29 14.09 -15.26 17.30
N VAL B 30 14.85 -15.54 16.24
CA VAL B 30 16.12 -16.27 16.35
C VAL B 30 17.27 -15.36 16.74
N ARG B 31 18.03 -15.78 17.75
CA ARG B 31 19.13 -14.99 18.33
C ARG B 31 20.43 -14.93 17.50
N TYR B 32 20.71 -15.98 16.74
CA TYR B 32 21.96 -16.02 15.99
C TYR B 32 21.80 -16.14 14.52
N VAL B 33 22.78 -15.57 13.83
CA VAL B 33 22.98 -15.80 12.42
C VAL B 33 24.34 -16.39 12.27
N VAL B 34 24.46 -17.41 11.42
CA VAL B 34 25.76 -18.05 11.19
C VAL B 34 26.15 -17.96 9.72
N VAL B 35 27.33 -17.44 9.44
CA VAL B 35 27.75 -17.19 8.09
C VAL B 35 28.80 -18.19 7.63
N SER B 36 28.56 -18.80 6.47
CA SER B 36 29.45 -19.84 5.96
C SER B 36 29.76 -19.58 4.52
N HIS B 37 30.66 -20.36 3.95
CA HIS B 37 30.78 -20.45 2.49
C HIS B 37 30.42 -21.85 2.07
N THR B 38 30.19 -22.05 0.79
CA THR B 38 29.80 -23.34 0.38
C THR B 38 31.01 -24.17 0.06
N ALA B 39 32.16 -23.51 -0.11
CA ALA B 39 33.41 -24.09 -0.64
C ALA B 39 33.13 -24.72 -2.01
N GLY B 40 32.11 -24.22 -2.72
CA GLY B 40 31.81 -24.80 -4.02
C GLY B 40 32.29 -23.82 -5.06
N SER B 41 32.00 -24.11 -6.33
CA SER B 41 32.28 -23.11 -7.40
C SER B 41 31.51 -21.82 -7.17
N HIS B 42 32.08 -20.69 -7.56
CA HIS B 42 31.35 -19.47 -7.46
C HIS B 42 30.75 -19.17 -8.80
N CYS B 43 29.97 -18.10 -8.86
CA CYS B 43 29.17 -17.81 -10.05
C CYS B 43 28.83 -16.31 -10.00
N ASP B 44 28.78 -15.66 -11.16
CA ASP B 44 28.59 -14.20 -11.16
C ASP B 44 27.34 -13.71 -11.91
N THR B 45 26.57 -14.62 -12.50
CA THR B 45 25.36 -14.25 -13.24
C THR B 45 24.17 -14.99 -12.68
N PRO B 46 23.01 -14.32 -12.57
CA PRO B 46 21.83 -14.92 -12.01
C PRO B 46 21.55 -16.25 -12.58
N ALA B 47 22.04 -16.48 -13.82
CA ALA B 47 21.89 -17.78 -14.49
C ALA B 47 22.91 -18.81 -13.96
N SER B 48 24.14 -18.37 -13.74
CA SER B 48 25.13 -19.28 -13.25
C SER B 48 24.90 -19.56 -11.75
N CYS B 49 24.39 -18.56 -11.00
CA CYS B 49 24.08 -18.73 -9.57
C CYS B 49 22.76 -19.51 -9.28
N ALA B 50 21.81 -19.50 -10.22
CA ALA B 50 20.69 -20.47 -10.17
C ALA B 50 21.20 -21.88 -10.21
N GLN B 51 21.94 -22.15 -11.29
CA GLN B 51 22.59 -23.43 -11.50
C GLN B 51 23.40 -23.92 -10.29
N GLN B 52 24.12 -23.00 -9.64
CA GLN B 52 24.97 -23.33 -8.51
C GLN B 52 24.13 -23.63 -7.28
N ALA B 53 23.03 -22.89 -7.02
CA ALA B 53 22.14 -23.29 -5.89
C ALA B 53 21.67 -24.70 -6.09
N GLN B 54 21.11 -24.91 -7.26
CA GLN B 54 20.74 -26.23 -7.73
C GLN B 54 21.78 -27.33 -7.46
N ASN B 55 23.06 -27.02 -7.72
CA ASN B 55 24.15 -27.96 -7.54
C ASN B 55 24.40 -28.20 -6.07
N VAL B 56 24.16 -27.19 -5.25
CA VAL B 56 24.42 -27.42 -3.84
C VAL B 56 23.28 -28.23 -3.31
N GLN B 57 22.05 -27.88 -3.68
CA GLN B 57 20.90 -28.54 -3.10
C GLN B 57 20.93 -30.07 -3.40
N SER B 58 21.34 -30.38 -4.61
CA SER B 58 21.39 -31.73 -5.13
C SER B 58 22.40 -32.56 -4.37
N TYR B 59 23.49 -31.93 -3.97
CA TYR B 59 24.50 -32.62 -3.19
C TYR B 59 23.90 -33.00 -1.85
N HIS B 60 23.18 -32.07 -1.24
CA HIS B 60 22.58 -32.32 0.05
C HIS B 60 21.45 -33.32 -0.01
N VAL B 61 20.69 -33.27 -1.09
CA VAL B 61 19.50 -34.07 -1.11
C VAL B 61 19.79 -35.47 -1.65
N ARG B 62 20.36 -35.54 -2.85
CA ARG B 62 20.65 -36.79 -3.49
C ARG B 62 21.76 -37.51 -2.78
N ASN B 63 22.80 -36.76 -2.40
CA ASN B 63 23.97 -37.46 -1.86
C ASN B 63 23.94 -37.68 -0.38
N LEU B 64 23.61 -36.64 0.36
CA LEU B 64 23.67 -36.69 1.80
C LEU B 64 22.35 -37.13 2.36
N GLY B 65 21.33 -37.26 1.51
CA GLY B 65 20.03 -37.79 2.00
C GLY B 65 19.27 -36.75 2.83
N TRP B 66 19.61 -35.45 2.71
CA TRP B 66 18.94 -34.44 3.52
C TRP B 66 17.55 -34.04 2.98
N CYS B 67 16.70 -33.52 3.86
CA CYS B 67 15.32 -33.14 3.45
C CYS B 67 15.34 -31.94 2.48
N ASP B 68 16.40 -31.15 2.55
CA ASP B 68 16.55 -29.96 1.70
C ASP B 68 17.99 -29.42 1.85
N VAL B 69 18.36 -28.47 1.00
CA VAL B 69 19.60 -27.78 1.14
C VAL B 69 19.79 -27.36 2.58
N GLY B 70 21.02 -27.50 3.08
CA GLY B 70 21.27 -27.27 4.46
C GLY B 70 21.03 -25.85 4.91
N TYR B 71 21.30 -24.89 4.04
CA TYR B 71 21.28 -23.47 4.38
C TYR B 71 19.92 -22.84 4.35
N ASN B 72 19.62 -22.02 5.36
CA ASN B 72 18.37 -21.18 5.30
C ASN B 72 18.39 -20.27 4.05
N PHE B 73 19.54 -19.66 3.75
CA PHE B 73 19.65 -18.89 2.54
C PHE B 73 21.03 -19.00 1.92
N LEU B 74 21.12 -18.78 0.59
CA LEU B 74 22.42 -18.74 -0.12
C LEU B 74 22.62 -17.37 -0.73
N ILE B 75 23.86 -16.89 -0.75
CA ILE B 75 24.15 -15.59 -1.37
C ILE B 75 25.07 -15.72 -2.61
N GLY B 76 24.65 -15.20 -3.77
CA GLY B 76 25.44 -15.33 -5.02
C GLY B 76 26.35 -14.15 -5.35
N GLU B 77 27.41 -14.34 -6.13
CA GLU B 77 28.23 -13.19 -6.54
C GLU B 77 27.52 -12.41 -7.69
N ASP B 78 26.46 -12.99 -8.25
CA ASP B 78 25.47 -12.23 -9.00
C ASP B 78 24.97 -11.05 -8.12
N GLY B 79 24.94 -11.19 -6.79
CA GLY B 79 24.35 -10.13 -5.92
C GLY B 79 22.92 -10.39 -5.44
N LEU B 80 22.47 -11.65 -5.43
CA LEU B 80 21.07 -11.97 -5.05
C LEU B 80 21.04 -13.01 -3.96
N VAL B 81 19.91 -13.08 -3.26
CA VAL B 81 19.68 -13.94 -2.13
C VAL B 81 18.84 -15.07 -2.65
N TYR B 82 19.34 -16.28 -2.45
CA TYR B 82 18.68 -17.50 -2.86
C TYR B 82 18.05 -18.21 -1.70
N GLU B 83 16.76 -18.44 -1.82
CA GLU B 83 15.97 -18.95 -0.76
C GLU B 83 16.34 -20.42 -0.65
N GLY B 84 16.72 -20.85 0.55
CA GLY B 84 16.74 -22.29 0.88
C GLY B 84 15.64 -22.62 1.85
N ARG B 85 16.00 -23.07 3.04
CA ARG B 85 15.03 -23.49 4.03
C ARG B 85 14.20 -22.28 4.61
N GLY B 86 14.70 -21.05 4.44
CA GLY B 86 13.98 -19.82 4.80
C GLY B 86 14.04 -19.54 6.27
N TRP B 87 13.08 -18.77 6.78
CA TRP B 87 13.12 -18.20 8.11
C TRP B 87 12.59 -19.13 9.16
N ASN B 88 11.78 -20.11 8.76
CA ASN B 88 11.06 -20.90 9.74
C ASN B 88 11.41 -22.36 9.75
N ILE B 89 12.08 -22.83 8.69
CA ILE B 89 12.50 -24.22 8.63
C ILE B 89 13.92 -24.27 9.13
N LYS B 90 14.08 -24.93 10.27
CA LYS B 90 15.39 -25.09 10.90
C LYS B 90 16.38 -25.75 9.95
N GLY B 91 17.60 -25.21 9.87
CA GLY B 91 18.59 -25.58 8.87
C GLY B 91 19.51 -26.69 9.35
N ALA B 92 20.36 -27.18 8.43
CA ALA B 92 21.47 -28.07 8.73
C ALA B 92 22.76 -27.42 8.18
N HIS B 93 23.45 -26.65 9.00
CA HIS B 93 24.55 -25.86 8.45
C HIS B 93 25.69 -25.70 9.43
N ALA B 94 25.35 -25.88 10.71
CA ALA B 94 26.26 -25.60 11.78
C ALA B 94 26.22 -26.60 12.94
N GLY B 95 25.47 -27.70 12.75
CA GLY B 95 25.42 -28.79 13.69
C GLY B 95 24.38 -28.65 14.78
N PRO B 96 24.21 -29.73 15.57
CA PRO B 96 23.14 -29.93 16.54
C PRO B 96 22.98 -28.85 17.55
N THR B 97 24.06 -28.16 17.95
CA THR B 97 23.87 -27.03 18.87
C THR B 97 23.29 -25.82 18.15
N TRP B 98 23.97 -25.42 17.09
CA TRP B 98 23.66 -24.19 16.38
C TRP B 98 22.43 -24.22 15.42
N ASN B 99 22.13 -25.38 14.85
CA ASN B 99 21.00 -25.47 13.91
C ASN B 99 19.69 -24.97 14.49
N PRO B 100 19.34 -25.41 15.70
CA PRO B 100 18.07 -24.96 16.24
C PRO B 100 18.05 -23.53 16.76
N ILE B 101 19.18 -22.83 16.83
CA ILE B 101 19.13 -21.47 17.40
C ILE B 101 19.71 -20.35 16.55
N SER B 102 20.00 -20.66 15.30
CA SER B 102 20.59 -19.72 14.38
C SER B 102 19.91 -19.84 13.04
N ILE B 103 20.14 -18.84 12.19
CA ILE B 103 19.68 -18.88 10.82
C ILE B 103 20.98 -18.98 10.08
N GLY B 104 21.10 -19.92 9.14
CA GLY B 104 22.38 -20.05 8.45
C GLY B 104 22.39 -19.49 7.05
N ILE B 105 23.37 -18.64 6.71
CA ILE B 105 23.46 -18.09 5.35
C ILE B 105 24.82 -18.40 4.71
N SER B 106 24.80 -18.84 3.46
CA SER B 106 26.05 -19.25 2.89
C SER B 106 26.31 -18.54 1.59
N PHE B 107 27.53 -18.02 1.45
CA PHE B 107 28.02 -17.43 0.17
C PHE B 107 28.54 -18.54 -0.79
N MET B 108 28.16 -18.47 -2.05
CA MET B 108 28.46 -19.45 -3.08
C MET B 108 29.80 -19.29 -3.77
N GLY B 109 30.77 -20.05 -3.25
CA GLY B 109 32.17 -20.07 -3.70
C GLY B 109 33.09 -20.37 -2.52
N ASN B 110 34.38 -20.34 -2.78
CA ASN B 110 35.34 -20.52 -1.73
C ASN B 110 35.99 -19.16 -1.48
N TYR B 111 36.11 -18.76 -0.21
CA TYR B 111 36.56 -17.40 0.09
C TYR B 111 37.79 -17.34 0.95
N MET B 112 38.59 -18.39 0.81
CA MET B 112 39.92 -18.46 1.39
C MET B 112 40.82 -17.43 0.72
N ASN B 113 40.92 -17.47 -0.60
CA ASN B 113 41.81 -16.57 -1.30
C ASN B 113 41.13 -15.52 -2.14
N ARG B 114 39.86 -15.21 -1.84
CA ARG B 114 39.18 -14.05 -2.44
C ARG B 114 38.00 -13.56 -1.64
N VAL B 115 37.50 -12.37 -1.97
CA VAL B 115 36.33 -11.83 -1.27
C VAL B 115 35.13 -11.85 -2.18
N PRO B 116 33.94 -11.85 -1.57
CA PRO B 116 32.76 -11.62 -2.40
C PRO B 116 32.63 -10.13 -2.73
N PRO B 117 32.06 -9.82 -3.90
CA PRO B 117 31.67 -8.48 -4.31
C PRO B 117 30.89 -7.73 -3.26
N PRO B 118 31.03 -6.39 -3.21
CA PRO B 118 30.15 -5.54 -2.38
C PRO B 118 28.64 -5.85 -2.47
N ARG B 119 28.10 -6.04 -3.68
CA ARG B 119 26.67 -6.41 -3.82
C ARG B 119 26.28 -7.70 -3.09
N ALA B 120 27.18 -8.71 -3.11
CA ALA B 120 26.97 -9.96 -2.36
C ALA B 120 26.81 -9.63 -0.88
N LEU B 121 27.71 -8.77 -0.36
CA LEU B 121 27.72 -8.39 1.05
C LEU B 121 26.51 -7.51 1.37
N ARG B 122 26.20 -6.57 0.48
CA ARG B 122 24.94 -5.80 0.61
C ARG B 122 23.72 -6.71 0.73
N ALA B 123 23.60 -7.65 -0.17
CA ALA B 123 22.47 -8.57 -0.15
C ALA B 123 22.29 -9.29 1.22
N ALA B 124 23.39 -9.71 1.85
CA ALA B 124 23.29 -10.35 3.14
C ALA B 124 22.81 -9.41 4.24
N GLN B 125 23.35 -8.21 4.25
CA GLN B 125 23.02 -7.25 5.28
C GLN B 125 21.54 -6.88 5.19
N ASN B 126 21.14 -6.55 3.96
CA ASN B 126 19.77 -6.44 3.58
C ASN B 126 18.96 -7.62 4.09
N LEU B 127 19.38 -8.83 3.73
CA LEU B 127 18.63 -10.01 4.10
C LEU B 127 18.38 -10.05 5.59
N LEU B 128 19.44 -9.84 6.34
CA LEU B 128 19.34 -9.79 7.80
C LEU B 128 18.36 -8.75 8.34
N ALA B 129 18.44 -7.53 7.87
CA ALA B 129 17.53 -6.49 8.30
C ALA B 129 16.09 -6.86 7.91
N CYS B 130 15.94 -7.55 6.69
CA CYS B 130 14.65 -8.06 6.22
C CYS B 130 14.13 -9.15 7.15
N GLY B 131 15.05 -9.80 7.86
CA GLY B 131 14.71 -10.83 8.84
C GLY B 131 14.16 -10.27 10.16
N VAL B 132 14.79 -9.19 10.61
CA VAL B 132 14.41 -8.53 11.88
C VAL B 132 13.03 -7.92 11.67
N ALA B 133 12.86 -7.28 10.50
CA ALA B 133 11.61 -6.66 10.09
C ALA B 133 10.48 -7.68 10.09
N LEU B 134 10.79 -8.92 9.73
CA LEU B 134 9.80 -9.99 9.75
C LEU B 134 9.60 -10.60 11.14
N GLY B 135 10.37 -10.12 12.12
CA GLY B 135 10.34 -10.74 13.45
C GLY B 135 10.82 -12.19 13.43
N ALA B 136 11.55 -12.55 12.36
CA ALA B 136 12.27 -13.85 12.23
C ALA B 136 13.57 -13.81 13.03
N LEU B 137 14.34 -12.71 12.88
CA LEU B 137 15.54 -12.49 13.66
C LEU B 137 15.21 -11.54 14.76
N ARG B 138 15.84 -11.71 15.91
CA ARG B 138 15.54 -10.81 16.97
C ARG B 138 16.32 -9.53 16.69
N SER B 139 15.88 -8.40 17.29
CA SER B 139 16.44 -7.08 16.93
C SER B 139 17.93 -7.00 17.26
N ASN B 140 18.22 -7.35 18.54
CA ASN B 140 19.58 -7.47 19.02
C ASN B 140 20.07 -8.86 18.73
N TYR B 141 20.44 -9.10 17.47
CA TYR B 141 20.89 -10.44 17.07
C TYR B 141 22.42 -10.53 16.92
N GLU B 142 22.97 -11.73 17.16
CA GLU B 142 24.41 -11.93 17.06
C GLU B 142 24.76 -12.72 15.83
N VAL B 143 25.79 -12.26 15.12
CA VAL B 143 26.40 -12.94 13.96
C VAL B 143 27.73 -13.64 14.29
N LYS B 144 27.79 -14.93 13.94
CA LYS B 144 28.94 -15.75 14.22
C LYS B 144 29.43 -16.25 12.87
N GLY B 145 30.75 -16.41 12.71
CA GLY B 145 31.30 -17.12 11.53
C GLY B 145 31.24 -18.64 11.69
N HIS B 146 31.08 -19.36 10.59
CA HIS B 146 31.01 -20.84 10.64
C HIS B 146 32.06 -21.42 11.62
N ARG B 147 33.31 -20.98 11.51
CA ARG B 147 34.36 -21.45 12.45
C ARG B 147 34.10 -21.12 13.92
N ASP B 148 33.65 -19.93 14.26
CA ASP B 148 33.36 -19.65 15.67
C ASP B 148 32.58 -20.75 16.32
N VAL B 149 31.77 -21.47 15.54
CA VAL B 149 30.88 -22.47 16.10
C VAL B 149 31.16 -23.92 15.70
N GLN B 150 31.99 -24.09 14.68
CA GLN B 150 32.34 -25.42 14.19
C GLN B 150 33.78 -25.52 13.70
N PRO B 151 34.36 -26.74 13.73
CA PRO B 151 35.72 -26.85 13.25
C PRO B 151 35.67 -26.90 11.73
N THR B 152 35.95 -25.76 11.10
CA THR B 152 35.96 -25.68 9.65
C THR B 152 36.73 -24.40 9.30
N LEU B 153 37.26 -24.38 8.09
CA LEU B 153 37.83 -23.15 7.52
C LEU B 153 36.76 -22.21 6.90
N SER B 154 35.60 -22.75 6.57
CA SER B 154 34.46 -21.90 6.20
C SER B 154 34.22 -20.80 7.27
N PRO B 155 33.91 -19.55 6.83
CA PRO B 155 33.55 -19.05 5.50
C PRO B 155 34.70 -18.65 4.53
N GLY B 156 35.91 -19.15 4.77
CA GLY B 156 37.09 -18.67 4.04
C GLY B 156 37.74 -17.50 4.78
N ASP B 157 39.07 -17.46 4.78
CA ASP B 157 39.79 -16.40 5.50
C ASP B 157 39.32 -14.97 5.19
N ARG B 158 39.30 -14.62 3.89
CA ARG B 158 38.99 -13.25 3.38
C ARG B 158 37.59 -12.86 3.78
N LEU B 159 36.64 -13.80 3.61
CA LEU B 159 35.25 -13.55 3.97
C LEU B 159 35.07 -13.43 5.48
N TYR B 160 35.82 -14.26 6.25
CA TYR B 160 35.83 -14.20 7.69
C TYR B 160 36.24 -12.82 8.23
N GLU B 161 37.27 -12.22 7.66
CA GLU B 161 37.75 -10.97 8.18
C GLU B 161 36.73 -9.87 7.99
N ILE B 162 36.02 -9.92 6.89
CA ILE B 162 35.01 -8.94 6.59
C ILE B 162 33.91 -9.00 7.63
N ILE B 163 33.38 -10.20 7.89
CA ILE B 163 32.23 -10.29 8.80
C ILE B 163 32.55 -9.90 10.21
N GLN B 164 33.82 -10.01 10.58
CA GLN B 164 34.27 -9.51 11.87
C GLN B 164 34.10 -7.97 12.01
N THR B 165 33.92 -7.28 10.90
CA THR B 165 33.73 -5.83 10.93
C THR B 165 32.27 -5.42 11.03
N TRP B 166 31.37 -6.39 10.90
CA TRP B 166 29.93 -6.14 10.95
C TRP B 166 29.53 -5.71 12.34
N SER B 167 28.66 -4.70 12.40
CA SER B 167 28.18 -4.12 13.66
C SER B 167 27.67 -5.24 14.55
N HIS B 168 26.97 -6.19 13.95
CA HIS B 168 26.34 -7.27 14.68
C HIS B 168 27.21 -8.52 14.95
N TYR B 169 28.47 -8.54 14.48
CA TYR B 169 29.36 -9.72 14.64
C TYR B 169 29.91 -9.95 16.03
N ARG B 170 29.82 -11.17 16.52
CA ARG B 170 30.38 -11.53 17.82
C ARG B 170 31.15 -12.85 17.81
N ALA B 171 32.47 -12.76 17.89
CA ALA B 171 33.41 -13.93 18.02
C ALA B 171 33.10 -15.03 19.11
N GLU C 1 -18.67 30.97 -23.10
CA GLU C 1 -19.88 31.82 -23.34
C GLU C 1 -21.10 31.32 -22.54
N ASP C 2 -22.01 32.22 -22.18
CA ASP C 2 -21.87 33.66 -22.41
C ASP C 2 -20.85 34.26 -21.45
N PRO C 3 -19.95 35.12 -21.97
CA PRO C 3 -18.88 35.72 -21.16
C PRO C 3 -19.33 36.26 -19.79
N PRO C 4 -20.53 36.92 -19.70
CA PRO C 4 -21.05 37.37 -18.42
C PRO C 4 -20.37 36.73 -17.22
N ALA C 5 -20.77 35.52 -16.81
CA ALA C 5 -20.05 34.84 -15.72
C ALA C 5 -20.62 33.54 -15.17
N CYS C 6 -19.99 33.15 -14.06
CA CYS C 6 -20.32 32.05 -13.20
C CYS C 6 -20.22 32.68 -11.80
N GLY C 7 -18.99 32.87 -11.35
CA GLY C 7 -18.67 33.77 -10.24
C GLY C 7 -19.11 33.42 -8.85
N SER C 8 -18.69 34.29 -7.91
CA SER C 8 -18.98 34.23 -6.41
C SER C 8 -18.63 32.97 -5.61
N ILE C 9 -17.45 32.46 -5.93
CA ILE C 9 -16.81 31.37 -5.23
C ILE C 9 -15.55 31.86 -4.48
N VAL C 10 -15.43 31.54 -3.19
CA VAL C 10 -14.17 31.80 -2.45
C VAL C 10 -13.02 30.96 -2.97
N PRO C 11 -11.94 31.59 -3.49
CA PRO C 11 -10.83 30.82 -4.01
C PRO C 11 -9.98 30.19 -2.92
N ARG C 12 -9.30 29.12 -3.28
CA ARG C 12 -8.42 28.42 -2.37
C ARG C 12 -7.54 29.40 -1.57
N ARG C 13 -6.79 30.22 -2.29
CA ARG C 13 -5.85 31.13 -1.65
C ARG C 13 -6.52 31.96 -0.61
N GLU C 14 -7.75 32.37 -0.89
CA GLU C 14 -8.54 33.21 0.02
C GLU C 14 -9.02 32.53 1.29
N TRP C 15 -9.25 31.22 1.30
CA TRP C 15 -9.47 30.48 2.56
C TRP C 15 -8.20 29.84 3.03
N ARG C 16 -7.13 30.08 2.29
CA ARG C 16 -5.81 29.62 2.67
C ARG C 16 -5.65 28.14 2.66
N ALA C 17 -6.17 27.53 1.62
CA ALA C 17 -5.92 26.14 1.32
C ALA C 17 -4.44 25.88 1.30
N LEU C 18 -4.05 24.69 1.75
CA LEU C 18 -2.70 24.19 1.52
C LEU C 18 -2.74 23.83 0.08
N ALA C 19 -1.57 23.78 -0.53
CA ALA C 19 -1.54 23.53 -1.96
C ALA C 19 -2.01 22.12 -2.27
N SER C 20 -2.81 21.96 -3.31
CA SER C 20 -3.28 20.63 -3.71
C SER C 20 -2.17 19.88 -4.34
N GLU C 21 -2.22 18.56 -4.22
CA GLU C 21 -1.33 17.67 -4.92
C GLU C 21 -2.02 16.80 -5.93
N CYS C 22 -3.31 17.04 -6.14
CA CYS C 22 -4.09 16.19 -7.04
C CYS C 22 -3.88 16.47 -8.53
N ARG C 23 -3.82 15.42 -9.35
CA ARG C 23 -3.49 15.61 -10.74
C ARG C 23 -4.44 14.92 -11.67
N GLU C 24 -5.50 14.31 -11.12
CA GLU C 24 -6.47 13.54 -11.93
C GLU C 24 -7.64 14.40 -12.45
N ARG C 25 -7.90 14.33 -13.75
CA ARG C 25 -8.91 15.25 -14.27
C ARG C 25 -10.28 14.63 -14.47
N LEU C 26 -11.35 15.36 -14.15
CA LEU C 26 -12.71 15.04 -14.64
C LEU C 26 -12.78 15.43 -16.11
N THR C 27 -13.70 14.80 -16.84
CA THR C 27 -13.91 15.12 -18.23
C THR C 27 -15.10 16.04 -18.27
N ARG C 28 -14.97 17.27 -18.76
CA ARG C 28 -16.20 18.05 -18.84
C ARG C 28 -16.89 17.77 -20.21
N PRO C 29 -18.23 17.88 -20.32
CA PRO C 29 -19.25 18.24 -19.33
C PRO C 29 -19.54 17.03 -18.41
N VAL C 30 -19.47 17.26 -17.11
CA VAL C 30 -19.61 16.22 -16.14
C VAL C 30 -21.09 15.88 -15.95
N ARG C 31 -21.43 14.60 -16.03
CA ARG C 31 -22.86 14.23 -15.94
C ARG C 31 -23.50 14.36 -14.58
N TYR C 32 -22.76 14.13 -13.50
CA TYR C 32 -23.38 13.82 -12.16
C TYR C 32 -22.90 14.78 -11.09
N VAL C 33 -23.77 15.13 -10.14
CA VAL C 33 -23.41 15.89 -8.90
C VAL C 33 -23.71 15.11 -7.63
N VAL C 34 -22.78 14.95 -6.67
CA VAL C 34 -23.10 14.15 -5.49
C VAL C 34 -23.09 15.11 -4.31
N VAL C 35 -24.16 15.09 -3.52
CA VAL C 35 -24.30 16.06 -2.42
C VAL C 35 -24.05 15.39 -1.09
N SER C 36 -22.98 15.81 -0.41
CA SER C 36 -22.55 15.21 0.85
C SER C 36 -22.64 16.22 2.00
N HIS C 37 -22.37 15.77 3.22
CA HIS C 37 -22.12 16.74 4.22
C HIS C 37 -20.87 16.40 4.94
N THR C 38 -20.40 17.37 5.70
CA THR C 38 -19.18 17.23 6.42
C THR C 38 -19.47 16.39 7.65
N ALA C 39 -20.72 16.40 8.09
CA ALA C 39 -21.16 15.68 9.31
C ALA C 39 -20.53 16.42 10.46
N GLY C 40 -19.94 17.57 10.11
CA GLY C 40 -19.11 18.36 11.01
C GLY C 40 -19.79 19.56 11.63
N SER C 41 -18.97 20.41 12.22
CA SER C 41 -19.46 21.69 12.65
C SER C 41 -19.70 22.52 11.40
N HIS C 42 -20.69 23.39 11.54
CA HIS C 42 -20.98 24.41 10.54
C HIS C 42 -20.43 25.77 11.01
N CYS C 43 -20.64 26.76 10.16
CA CYS C 43 -19.97 27.99 10.26
C CYS C 43 -20.88 28.96 9.52
N ASP C 44 -21.14 30.11 10.11
CA ASP C 44 -22.07 31.05 9.53
C ASP C 44 -21.44 32.42 9.14
N THR C 45 -20.12 32.46 9.03
CA THR C 45 -19.43 33.71 8.67
C THR C 45 -18.30 33.38 7.77
N PRO C 46 -17.84 34.37 7.01
CA PRO C 46 -16.76 33.99 6.10
C PRO C 46 -15.50 33.70 6.90
N ALA C 47 -15.37 34.32 8.06
CA ALA C 47 -14.18 34.05 8.87
C ALA C 47 -14.18 32.60 9.41
N SER C 48 -15.32 32.13 9.93
CA SER C 48 -15.35 30.78 10.51
C SER C 48 -15.36 29.77 9.37
N CYS C 49 -16.18 30.03 8.36
CA CYS C 49 -16.20 29.16 7.18
C CYS C 49 -14.81 28.96 6.54
N ALA C 50 -14.06 30.03 6.35
CA ALA C 50 -12.75 29.84 5.75
C ALA C 50 -11.89 28.92 6.66
N GLN C 51 -11.96 29.18 7.95
CA GLN C 51 -11.37 28.32 8.99
C GLN C 51 -11.94 26.90 8.96
N GLN C 52 -13.23 26.78 8.71
CA GLN C 52 -13.82 25.48 8.70
C GLN C 52 -13.31 24.75 7.49
N ALA C 53 -13.41 25.38 6.33
CA ALA C 53 -12.94 24.76 5.09
C ALA C 53 -11.53 24.29 5.33
N GLN C 54 -10.77 25.08 6.08
CA GLN C 54 -9.40 24.74 6.47
C GLN C 54 -9.25 23.44 7.29
N ASN C 55 -10.05 23.32 8.34
CA ASN C 55 -10.11 22.13 9.17
C ASN C 55 -10.49 20.89 8.39
N VAL C 56 -11.50 21.03 7.54
CA VAL C 56 -11.89 19.93 6.68
C VAL C 56 -10.66 19.47 5.88
N GLN C 57 -9.97 20.42 5.26
CA GLN C 57 -8.80 20.05 4.44
C GLN C 57 -7.68 19.39 5.25
N SER C 58 -7.49 19.90 6.46
CA SER C 58 -6.45 19.40 7.37
C SER C 58 -6.72 17.91 7.70
N TYR C 59 -8.00 17.57 7.90
CA TYR C 59 -8.38 16.18 8.11
C TYR C 59 -7.97 15.30 6.93
N HIS C 60 -8.19 15.77 5.73
CA HIS C 60 -8.08 14.89 4.58
C HIS C 60 -6.66 14.78 4.14
N VAL C 61 -5.98 15.91 4.13
CA VAL C 61 -4.58 15.91 3.73
C VAL C 61 -3.66 15.35 4.83
N ARG C 62 -3.77 15.88 6.04
CA ARG C 62 -2.82 15.52 7.13
C ARG C 62 -3.07 14.18 7.72
N ASN C 63 -4.32 13.92 8.12
CA ASN C 63 -4.66 12.66 8.78
C ASN C 63 -4.82 11.53 7.80
N LEU C 64 -5.48 11.83 6.69
CA LEU C 64 -5.76 10.78 5.77
C LEU C 64 -4.68 10.68 4.73
N GLY C 65 -3.80 11.68 4.68
CA GLY C 65 -2.74 11.64 3.68
C GLY C 65 -3.24 11.85 2.24
N TRP C 66 -4.42 12.42 2.07
CA TRP C 66 -4.97 12.66 0.69
C TRP C 66 -4.29 13.80 -0.06
N CYS C 67 -4.50 13.89 -1.38
CA CYS C 67 -3.80 14.91 -2.19
C CYS C 67 -4.30 16.30 -1.89
N ASP C 68 -5.55 16.40 -1.46
CA ASP C 68 -6.26 17.70 -1.23
C ASP C 68 -7.56 17.38 -0.50
N VAL C 69 -8.30 18.40 -0.09
CA VAL C 69 -9.61 18.16 0.46
C VAL C 69 -10.43 17.46 -0.59
N GLY C 70 -11.35 16.62 -0.11
CA GLY C 70 -11.86 15.56 -0.91
C GLY C 70 -12.88 16.04 -1.93
N TYR C 71 -13.55 17.14 -1.59
CA TYR C 71 -14.67 17.63 -2.38
C TYR C 71 -14.23 18.60 -3.44
N ASN C 72 -15.06 18.78 -4.48
CA ASN C 72 -14.81 19.79 -5.49
C ASN C 72 -15.13 21.20 -5.02
N PHE C 73 -16.21 21.33 -4.25
CA PHE C 73 -16.59 22.61 -3.69
C PHE C 73 -17.17 22.33 -2.35
N LEU C 74 -17.15 23.33 -1.47
CA LEU C 74 -17.82 23.20 -0.18
C LEU C 74 -18.74 24.33 0.05
N ILE C 75 -19.83 24.08 0.76
CA ILE C 75 -20.83 25.11 0.98
C ILE C 75 -20.95 25.55 2.42
N GLY C 76 -20.91 26.86 2.66
CA GLY C 76 -20.98 27.37 4.02
C GLY C 76 -22.39 27.85 4.35
N GLU C 77 -22.70 27.84 5.66
CA GLU C 77 -23.89 28.50 6.17
C GLU C 77 -23.85 30.05 6.11
N ASP C 78 -22.67 30.60 5.81
CA ASP C 78 -22.50 31.99 5.54
C ASP C 78 -23.01 32.34 4.13
N GLY C 79 -23.55 31.37 3.42
CA GLY C 79 -24.01 31.65 2.09
C GLY C 79 -23.02 31.71 0.95
N LEU C 80 -21.82 31.17 1.14
CA LEU C 80 -20.74 31.24 0.12
C LEU C 80 -20.17 29.88 -0.28
N VAL C 81 -19.74 29.74 -1.53
CA VAL C 81 -19.09 28.50 -1.96
C VAL C 81 -17.58 28.59 -1.74
N TYR C 82 -16.98 27.52 -1.18
CA TYR C 82 -15.53 27.42 -1.03
C TYR C 82 -14.88 26.55 -2.11
N GLU C 83 -13.97 27.10 -2.92
CA GLU C 83 -13.28 26.24 -3.91
C GLU C 83 -12.54 25.12 -3.23
N GLY C 84 -12.91 23.87 -3.59
CA GLY C 84 -12.18 22.70 -3.19
C GLY C 84 -11.30 22.29 -4.34
N ARG C 85 -11.44 21.05 -4.78
CA ARG C 85 -10.75 20.63 -5.99
C ARG C 85 -11.30 21.25 -7.29
N GLY C 86 -12.41 21.98 -7.23
CA GLY C 86 -12.88 22.74 -8.42
C GLY C 86 -13.40 21.90 -9.60
N TRP C 87 -13.56 22.48 -10.78
CA TRP C 87 -14.43 21.88 -11.82
C TRP C 87 -13.71 20.79 -12.54
N ASN C 88 -12.37 20.84 -12.47
CA ASN C 88 -11.58 20.07 -13.39
C ASN C 88 -10.82 18.87 -12.74
N ILE C 89 -10.77 18.79 -11.42
CA ILE C 89 -9.99 17.74 -10.75
C ILE C 89 -10.90 16.71 -10.06
N LYS C 90 -10.60 15.43 -10.20
CA LYS C 90 -11.41 14.33 -9.63
C LYS C 90 -11.42 14.47 -8.12
N GLY C 91 -12.60 14.54 -7.52
CA GLY C 91 -12.65 14.54 -6.07
C GLY C 91 -12.49 13.13 -5.47
N ALA C 92 -12.40 13.08 -4.14
CA ALA C 92 -12.31 11.83 -3.41
C ALA C 92 -13.43 11.90 -2.44
N HIS C 93 -14.63 11.61 -2.91
CA HIS C 93 -15.78 11.91 -2.08
C HIS C 93 -16.85 10.87 -2.20
N ALA C 94 -16.83 10.02 -3.22
CA ALA C 94 -17.98 9.12 -3.33
C ALA C 94 -17.66 7.71 -3.89
N GLY C 95 -16.39 7.30 -3.74
CA GLY C 95 -15.97 5.99 -4.23
C GLY C 95 -15.37 6.02 -5.64
N PRO C 96 -14.71 4.91 -6.04
CA PRO C 96 -13.97 4.81 -7.33
C PRO C 96 -14.91 4.75 -8.52
N THR C 97 -16.18 4.50 -8.28
CA THR C 97 -17.15 4.54 -9.38
C THR C 97 -17.80 5.91 -9.53
N TRP C 98 -18.07 6.62 -8.46
CA TRP C 98 -18.72 7.92 -8.65
C TRP C 98 -17.76 9.13 -8.78
N ASN C 99 -16.61 9.03 -8.10
CA ASN C 99 -15.55 10.03 -8.19
C ASN C 99 -15.19 10.47 -9.61
N PRO C 100 -14.83 9.55 -10.48
CA PRO C 100 -14.42 10.06 -11.82
C PRO C 100 -15.55 10.63 -12.68
N ILE C 101 -16.82 10.58 -12.25
CA ILE C 101 -17.92 10.96 -13.20
C ILE C 101 -18.83 11.99 -12.62
N SER C 102 -18.49 12.52 -11.45
CA SER C 102 -19.38 13.44 -10.75
C SER C 102 -18.61 14.67 -10.22
N ILE C 103 -19.34 15.73 -9.86
CA ILE C 103 -18.81 16.77 -8.95
C ILE C 103 -19.33 16.52 -7.55
N GLY C 104 -18.46 16.50 -6.55
CA GLY C 104 -18.95 16.37 -5.16
C GLY C 104 -18.97 17.72 -4.45
N ILE C 105 -20.13 18.09 -3.91
CA ILE C 105 -20.27 19.31 -3.16
C ILE C 105 -20.71 18.94 -1.74
N SER C 106 -20.10 19.54 -0.73
CA SER C 106 -20.38 19.14 0.63
C SER C 106 -20.82 20.34 1.39
N PHE C 107 -21.97 20.27 2.05
CA PHE C 107 -22.40 21.30 2.97
C PHE C 107 -21.60 21.16 4.28
N MET C 108 -21.06 22.27 4.76
CA MET C 108 -20.25 22.29 5.99
C MET C 108 -21.14 22.34 7.19
N GLY C 109 -21.33 21.15 7.76
CA GLY C 109 -22.24 20.95 8.90
C GLY C 109 -22.74 19.51 8.99
N ASN C 110 -23.60 19.28 9.97
CA ASN C 110 -24.27 17.98 10.17
C ASN C 110 -25.76 18.22 10.03
N TYR C 111 -26.33 17.71 8.94
CA TYR C 111 -27.72 18.04 8.62
C TYR C 111 -28.63 16.87 8.88
N MET C 112 -28.19 16.05 9.83
CA MET C 112 -29.04 14.99 10.33
C MET C 112 -30.17 15.67 11.07
N ASN C 113 -29.85 16.69 11.87
CA ASN C 113 -30.86 17.33 12.71
C ASN C 113 -31.15 18.82 12.51
N ARG C 114 -30.67 19.31 11.38
CA ARG C 114 -30.70 20.72 11.07
C ARG C 114 -30.93 20.86 9.59
N VAL C 115 -31.64 21.89 9.18
CA VAL C 115 -31.73 22.18 7.75
C VAL C 115 -30.69 23.23 7.48
N PRO C 116 -29.97 23.10 6.38
CA PRO C 116 -29.01 24.17 6.05
C PRO C 116 -29.78 25.44 5.68
N PRO C 117 -29.32 26.65 6.10
CA PRO C 117 -30.17 27.86 5.93
C PRO C 117 -30.41 28.15 4.44
N PRO C 118 -31.44 28.91 4.10
CA PRO C 118 -31.78 29.18 2.70
C PRO C 118 -30.60 29.67 1.81
N ARG C 119 -29.68 30.42 2.39
CA ARG C 119 -28.61 31.03 1.64
C ARG C 119 -27.57 30.02 1.27
N ALA C 120 -27.44 28.97 2.10
CA ALA C 120 -26.53 27.91 1.77
C ALA C 120 -27.12 27.12 0.60
N LEU C 121 -28.44 26.94 0.63
CA LEU C 121 -29.13 26.24 -0.41
C LEU C 121 -29.03 27.05 -1.68
N ARG C 122 -29.27 28.37 -1.60
CA ARG C 122 -29.15 29.22 -2.80
C ARG C 122 -27.73 29.13 -3.39
N ALA C 123 -26.76 29.03 -2.50
CA ALA C 123 -25.38 29.08 -2.92
C ALA C 123 -25.08 27.85 -3.78
N ALA C 124 -25.57 26.68 -3.34
CA ALA C 124 -25.45 25.40 -4.07
C ALA C 124 -26.20 25.42 -5.37
N GLN C 125 -27.43 25.95 -5.36
CA GLN C 125 -28.21 26.06 -6.61
C GLN C 125 -27.45 26.88 -7.64
N ASN C 126 -27.03 28.07 -7.23
CA ASN C 126 -26.34 29.02 -8.10
C ASN C 126 -25.01 28.41 -8.55
N LEU C 127 -24.31 27.74 -7.64
CA LEU C 127 -23.07 27.04 -8.05
C LEU C 127 -23.24 26.01 -9.16
N LEU C 128 -24.40 25.35 -9.18
CA LEU C 128 -24.67 24.32 -10.17
C LEU C 128 -25.05 24.88 -11.54
N ALA C 129 -25.87 25.94 -11.54
CA ALA C 129 -26.21 26.62 -12.77
C ALA C 129 -24.98 27.36 -13.30
N CYS C 130 -24.10 27.71 -12.35
CA CYS C 130 -22.77 28.24 -12.62
C CYS C 130 -21.99 27.25 -13.50
N GLY C 131 -22.00 25.99 -13.09
CA GLY C 131 -21.35 24.94 -13.72
C GLY C 131 -21.85 24.58 -15.09
N VAL C 132 -23.17 24.71 -15.28
CA VAL C 132 -23.81 24.51 -16.58
C VAL C 132 -23.36 25.61 -17.56
N ALA C 133 -23.33 26.79 -17.05
CA ALA C 133 -23.05 28.00 -17.87
C ALA C 133 -21.62 27.94 -18.42
N LEU C 134 -20.70 27.43 -17.60
CA LEU C 134 -19.27 27.17 -17.92
C LEU C 134 -19.05 25.94 -18.80
N GLY C 135 -20.07 25.10 -18.94
CA GLY C 135 -19.84 23.82 -19.60
C GLY C 135 -19.19 22.76 -18.72
N ALA C 136 -19.08 23.01 -17.42
CA ALA C 136 -18.48 22.05 -16.53
C ALA C 136 -19.42 20.87 -16.24
N LEU C 137 -20.72 21.16 -16.22
CA LEU C 137 -21.78 20.20 -15.91
C LEU C 137 -22.68 20.14 -17.12
N ARG C 138 -23.20 18.95 -17.44
CA ARG C 138 -24.17 18.84 -18.49
C ARG C 138 -25.38 19.68 -18.16
N SER C 139 -26.01 20.30 -19.16
CA SER C 139 -27.29 20.98 -18.95
C SER C 139 -28.32 20.10 -18.20
N ASN C 140 -28.34 18.76 -18.46
CA ASN C 140 -29.28 17.87 -17.75
C ASN C 140 -28.61 17.06 -16.64
N TYR C 141 -27.69 17.68 -15.90
CA TYR C 141 -26.99 16.92 -14.92
C TYR C 141 -27.88 16.30 -13.87
N GLU C 142 -27.35 15.22 -13.26
CA GLU C 142 -28.09 14.53 -12.22
C GLU C 142 -27.54 14.70 -10.82
N VAL C 143 -28.43 14.97 -9.88
CA VAL C 143 -28.00 15.25 -8.51
C VAL C 143 -28.34 14.03 -7.71
N LYS C 144 -27.34 13.55 -6.94
CA LYS C 144 -27.50 12.34 -6.16
C LYS C 144 -27.17 12.70 -4.73
N GLY C 145 -27.84 12.08 -3.77
CA GLY C 145 -27.39 12.16 -2.38
C GLY C 145 -26.24 11.22 -2.12
N HIS C 146 -25.37 11.61 -1.21
CA HIS C 146 -24.24 10.74 -0.91
C HIS C 146 -24.72 9.32 -0.54
N ARG C 147 -25.74 9.20 0.27
CA ARG C 147 -26.20 7.87 0.67
C ARG C 147 -26.74 6.97 -0.46
N ASP C 148 -26.99 7.56 -1.63
CA ASP C 148 -27.54 6.85 -2.78
C ASP C 148 -26.47 6.12 -3.52
N VAL C 149 -25.20 6.49 -3.31
CA VAL C 149 -24.12 5.82 -4.04
C VAL C 149 -23.12 5.16 -3.12
N GLN C 150 -23.32 5.38 -1.82
CA GLN C 150 -22.41 4.92 -0.78
C GLN C 150 -23.21 4.82 0.47
N PRO C 151 -22.84 3.88 1.34
CA PRO C 151 -23.56 3.68 2.60
C PRO C 151 -23.09 4.63 3.65
N THR C 152 -23.94 5.58 3.95
CA THR C 152 -23.51 6.62 4.84
C THR C 152 -24.79 7.32 5.20
N LEU C 153 -24.77 8.14 6.24
CA LEU C 153 -25.91 8.98 6.52
C LEU C 153 -25.91 10.30 5.74
N SER C 154 -24.73 10.80 5.31
CA SER C 154 -24.71 12.11 4.64
C SER C 154 -25.63 12.02 3.43
N PRO C 155 -26.29 13.13 3.11
CA PRO C 155 -26.03 14.51 3.57
C PRO C 155 -26.72 14.90 4.87
N GLY C 156 -27.37 13.93 5.53
CA GLY C 156 -28.23 14.21 6.69
C GLY C 156 -29.68 14.10 6.27
N ASP C 157 -30.56 13.62 7.16
CA ASP C 157 -31.98 13.40 6.84
C ASP C 157 -32.69 14.63 6.26
N ARG C 158 -32.47 15.77 6.89
CA ARG C 158 -33.11 17.03 6.51
C ARG C 158 -32.67 17.49 5.13
N LEU C 159 -31.37 17.46 4.91
CA LEU C 159 -30.80 17.90 3.68
C LEU C 159 -31.12 16.94 2.57
N TYR C 160 -31.04 15.64 2.85
CA TYR C 160 -31.36 14.60 1.86
C TYR C 160 -32.82 14.76 1.41
N GLU C 161 -33.65 15.08 2.39
CA GLU C 161 -35.05 15.33 2.12
C GLU C 161 -35.28 16.49 1.14
N ILE C 162 -34.51 17.56 1.31
CA ILE C 162 -34.61 18.75 0.50
C ILE C 162 -34.11 18.44 -0.89
N ILE C 163 -32.91 17.88 -1.00
CA ILE C 163 -32.44 17.62 -2.36
C ILE C 163 -33.36 16.71 -3.14
N GLN C 164 -33.91 15.69 -2.48
CA GLN C 164 -34.85 14.77 -3.17
C GLN C 164 -35.91 15.49 -3.99
N THR C 165 -36.22 16.73 -3.58
CA THR C 165 -37.21 17.54 -4.32
C THR C 165 -36.64 18.37 -5.50
N TRP C 166 -35.31 18.43 -5.66
CA TRP C 166 -34.71 19.31 -6.65
C TRP C 166 -34.96 18.84 -8.05
N SER C 167 -34.98 19.80 -8.94
CA SER C 167 -35.31 19.56 -10.30
C SER C 167 -34.41 18.47 -10.92
N HIS C 168 -33.11 18.52 -10.58
CA HIS C 168 -32.06 17.70 -11.22
C HIS C 168 -31.79 16.36 -10.45
N TYR C 169 -32.51 16.18 -9.34
CA TYR C 169 -32.48 14.97 -8.53
C TYR C 169 -32.85 13.76 -9.31
N ARG C 170 -32.11 12.67 -9.13
CA ARG C 170 -32.47 11.42 -9.82
C ARG C 170 -32.27 10.26 -8.89
N ALA C 171 -33.37 9.54 -8.71
CA ALA C 171 -33.54 8.38 -7.83
C ALA C 171 -32.24 7.68 -7.47
N GLU D 1 -6.57 -31.19 12.49
CA GLU D 1 -7.98 -31.43 12.09
C GLU D 1 -8.95 -31.53 13.26
N ASP D 2 -8.46 -32.06 14.39
CA ASP D 2 -9.26 -32.13 15.62
C ASP D 2 -9.86 -30.77 15.99
N PRO D 3 -11.14 -30.76 16.41
CA PRO D 3 -12.00 -29.57 16.60
C PRO D 3 -11.43 -28.28 17.23
N PRO D 4 -10.55 -28.38 18.26
CA PRO D 4 -10.00 -27.17 18.91
C PRO D 4 -9.40 -26.00 18.11
N ALA D 5 -10.26 -25.11 17.61
CA ALA D 5 -9.86 -23.82 17.05
C ALA D 5 -10.95 -22.77 16.74
N CYS D 6 -11.27 -21.95 17.75
CA CYS D 6 -12.14 -20.75 17.61
C CYS D 6 -13.52 -20.94 16.96
N GLY D 7 -14.05 -19.88 16.36
CA GLY D 7 -15.31 -19.96 15.60
C GLY D 7 -16.53 -19.28 16.20
N SER D 8 -17.68 -19.96 16.07
CA SER D 8 -19.10 -19.47 16.48
C SER D 8 -19.53 -18.12 15.86
N ILE D 9 -19.88 -18.17 14.57
CA ILE D 9 -20.29 -17.02 13.81
C ILE D 9 -21.66 -17.35 13.24
N VAL D 10 -22.56 -16.37 13.20
CA VAL D 10 -23.86 -16.63 12.60
C VAL D 10 -23.61 -16.65 11.10
N PRO D 11 -23.79 -17.79 10.46
CA PRO D 11 -23.60 -17.94 9.05
C PRO D 11 -24.69 -17.27 8.23
N ARG D 12 -24.32 -16.95 7.00
CA ARG D 12 -25.07 -16.06 6.08
C ARG D 12 -26.47 -16.62 5.97
N ARG D 13 -26.51 -17.85 5.53
CA ARG D 13 -27.71 -18.59 5.37
C ARG D 13 -28.58 -18.56 6.61
N GLU D 14 -27.99 -18.51 7.79
CA GLU D 14 -28.78 -18.45 9.02
C GLU D 14 -29.46 -17.12 9.18
N TRP D 15 -28.80 -16.04 8.81
CA TRP D 15 -29.50 -14.76 8.85
C TRP D 15 -30.27 -14.50 7.56
N ARG D 16 -30.26 -15.47 6.66
CA ARG D 16 -31.02 -15.44 5.40
C ARG D 16 -30.45 -14.54 4.30
N ALA D 17 -29.16 -14.19 4.39
CA ALA D 17 -28.52 -13.32 3.39
C ALA D 17 -28.88 -13.70 1.97
N LEU D 18 -28.89 -12.73 1.08
CA LEU D 18 -28.98 -13.02 -0.34
C LEU D 18 -27.66 -13.65 -0.73
N ALA D 19 -27.66 -14.52 -1.73
CA ALA D 19 -26.39 -15.04 -2.31
C ALA D 19 -25.48 -13.89 -2.73
N SER D 20 -24.26 -13.89 -2.27
CA SER D 20 -23.32 -12.86 -2.71
C SER D 20 -22.91 -13.12 -4.15
N GLU D 21 -22.60 -12.10 -4.94
CA GLU D 21 -21.95 -12.36 -6.21
C GLU D 21 -20.54 -11.81 -6.27
N CYS D 22 -19.97 -11.49 -5.12
CA CYS D 22 -18.63 -10.89 -5.09
C CYS D 22 -17.55 -11.94 -5.38
N ARG D 23 -16.72 -11.71 -6.38
CA ARG D 23 -15.70 -12.70 -6.68
C ARG D 23 -14.32 -12.33 -6.15
N GLU D 24 -14.08 -11.04 -5.91
CA GLU D 24 -12.72 -10.55 -5.58
C GLU D 24 -12.19 -10.92 -4.18
N ARG D 25 -10.99 -11.52 -4.19
CA ARG D 25 -10.50 -12.17 -2.99
C ARG D 25 -9.50 -11.32 -2.22
N LEU D 26 -9.33 -11.57 -0.94
CA LEU D 26 -8.21 -10.98 -0.25
C LEU D 26 -7.01 -11.94 -0.25
N THR D 27 -5.88 -11.46 0.24
CA THR D 27 -4.68 -12.23 0.33
C THR D 27 -4.33 -12.48 1.77
N ARG D 28 -4.53 -13.73 2.22
CA ARG D 28 -4.08 -14.13 3.56
C ARG D 28 -2.56 -14.34 3.57
N PRO D 29 -1.92 -13.89 4.66
CA PRO D 29 -2.64 -13.37 5.80
C PRO D 29 -2.78 -11.86 5.69
N VAL D 30 -4.01 -11.38 5.97
CA VAL D 30 -4.43 -9.97 5.91
C VAL D 30 -3.84 -9.21 7.09
N ARG D 31 -3.32 -7.99 6.83
CA ARG D 31 -2.59 -7.18 7.83
C ARG D 31 -3.47 -6.22 8.63
N TYR D 32 -4.49 -5.69 7.95
CA TYR D 32 -5.34 -4.62 8.48
C TYR D 32 -6.84 -4.92 8.85
N VAL D 33 -7.29 -4.34 9.95
CA VAL D 33 -8.65 -4.50 10.36
C VAL D 33 -9.24 -3.09 10.52
N VAL D 34 -10.33 -2.79 9.79
CA VAL D 34 -11.00 -1.44 9.90
C VAL D 34 -12.33 -1.56 10.63
N VAL D 35 -12.52 -0.79 11.70
CA VAL D 35 -13.75 -0.94 12.52
C VAL D 35 -14.76 0.13 12.15
N SER D 36 -15.98 -0.28 11.81
CA SER D 36 -17.03 0.74 11.42
C SER D 36 -18.26 0.56 12.25
N HIS D 37 -19.15 1.53 12.23
CA HIS D 37 -20.45 1.24 12.74
C HIS D 37 -21.45 1.34 11.59
N THR D 38 -22.63 0.70 11.75
CA THR D 38 -23.69 0.75 10.74
C THR D 38 -24.24 2.16 10.69
N ALA D 39 -24.20 2.87 11.81
CA ALA D 39 -24.67 4.25 11.90
C ALA D 39 -26.20 4.28 11.98
N GLY D 40 -26.84 3.13 11.79
CA GLY D 40 -28.30 3.01 11.91
C GLY D 40 -28.68 2.51 13.28
N SER D 41 -29.74 1.72 13.37
CA SER D 41 -30.26 1.29 14.68
C SER D 41 -29.47 0.10 15.19
N HIS D 42 -29.72 -0.28 16.43
CA HIS D 42 -29.04 -1.45 16.98
C HIS D 42 -30.09 -2.51 17.41
N CYS D 43 -29.63 -3.65 17.90
CA CYS D 43 -30.48 -4.82 18.06
C CYS D 43 -29.83 -5.64 19.16
N ASP D 44 -30.61 -6.33 19.97
CA ASP D 44 -29.99 -6.96 21.10
C ASP D 44 -30.50 -8.39 21.36
N THR D 45 -31.04 -8.98 20.28
CA THR D 45 -31.55 -10.33 20.28
C THR D 45 -31.13 -10.91 18.96
N PRO D 46 -30.88 -12.22 18.92
CA PRO D 46 -30.56 -12.88 17.66
C PRO D 46 -31.66 -12.70 16.62
N ALA D 47 -32.88 -12.66 17.13
CA ALA D 47 -34.06 -12.31 16.32
C ALA D 47 -33.85 -11.01 15.53
N SER D 48 -33.58 -9.93 16.25
CA SER D 48 -33.54 -8.63 15.62
C SER D 48 -32.24 -8.40 14.83
N CYS D 49 -31.16 -8.98 15.33
CA CYS D 49 -29.86 -8.77 14.68
C CYS D 49 -29.81 -9.48 13.37
N ALA D 50 -30.47 -10.63 13.26
CA ALA D 50 -30.47 -11.36 11.98
C ALA D 50 -31.26 -10.52 10.94
N GLN D 51 -32.45 -10.09 11.37
CA GLN D 51 -33.24 -9.12 10.64
C GLN D 51 -32.40 -7.90 10.24
N GLN D 52 -31.65 -7.34 11.18
CA GLN D 52 -30.96 -6.10 10.85
C GLN D 52 -29.85 -6.28 9.85
N ALA D 53 -29.10 -7.37 10.03
CA ALA D 53 -28.13 -7.79 9.05
C ALA D 53 -28.76 -7.87 7.66
N GLN D 54 -29.88 -8.57 7.58
CA GLN D 54 -30.70 -8.52 6.38
C GLN D 54 -30.93 -7.11 5.77
N ASN D 55 -31.34 -6.13 6.61
CA ASN D 55 -31.60 -4.72 6.20
C ASN D 55 -30.38 -4.04 5.59
N VAL D 56 -29.25 -4.18 6.30
CA VAL D 56 -28.00 -3.59 5.88
C VAL D 56 -27.61 -4.19 4.53
N GLN D 57 -27.68 -5.51 4.40
CA GLN D 57 -27.40 -6.13 3.11
C GLN D 57 -28.38 -5.61 1.99
N SER D 58 -29.63 -5.40 2.38
CA SER D 58 -30.64 -5.01 1.41
C SER D 58 -30.21 -3.68 0.79
N TYR D 59 -29.99 -2.68 1.64
CA TYR D 59 -29.46 -1.39 1.24
C TYR D 59 -28.19 -1.43 0.34
N HIS D 60 -27.23 -2.25 0.68
CA HIS D 60 -25.98 -2.29 -0.09
C HIS D 60 -26.21 -3.02 -1.44
N VAL D 61 -27.00 -4.11 -1.39
CA VAL D 61 -27.26 -4.93 -2.58
C VAL D 61 -28.43 -4.39 -3.44
N ARG D 62 -29.59 -4.16 -2.81
CA ARG D 62 -30.80 -3.63 -3.50
C ARG D 62 -30.69 -2.16 -3.90
N ASN D 63 -30.40 -1.25 -2.95
CA ASN D 63 -30.19 0.18 -3.28
C ASN D 63 -28.88 0.51 -4.01
N LEU D 64 -27.72 0.13 -3.46
CA LEU D 64 -26.44 0.54 -4.10
C LEU D 64 -26.00 -0.36 -5.26
N GLY D 65 -26.73 -1.49 -5.44
CA GLY D 65 -26.40 -2.53 -6.42
C GLY D 65 -25.05 -3.22 -6.21
N TRP D 66 -24.62 -3.35 -4.96
CA TRP D 66 -23.35 -4.03 -4.68
C TRP D 66 -23.54 -5.52 -4.77
N CYS D 67 -22.44 -6.22 -5.01
CA CYS D 67 -22.41 -7.65 -5.17
C CYS D 67 -22.78 -8.38 -3.86
N ASP D 68 -22.60 -7.71 -2.72
CA ASP D 68 -22.94 -8.25 -1.42
C ASP D 68 -22.87 -7.11 -0.45
N VAL D 69 -23.32 -7.38 0.78
CA VAL D 69 -23.13 -6.48 1.92
C VAL D 69 -21.67 -6.03 1.94
N GLY D 70 -21.41 -4.77 2.23
CA GLY D 70 -20.07 -4.28 2.03
C GLY D 70 -19.06 -4.85 3.06
N TYR D 71 -19.52 -5.15 4.29
CA TYR D 71 -18.64 -5.62 5.38
C TYR D 71 -18.19 -7.09 5.32
N ASN D 72 -17.04 -7.39 5.91
CA ASN D 72 -16.65 -8.79 5.95
C ASN D 72 -17.38 -9.54 7.08
N PHE D 73 -17.62 -8.83 8.20
CA PHE D 73 -18.36 -9.36 9.36
C PHE D 73 -19.14 -8.22 10.06
N LEU D 74 -20.31 -8.54 10.62
CA LEU D 74 -21.05 -7.54 11.42
C LEU D 74 -21.10 -7.96 12.92
N ILE D 75 -21.15 -7.01 13.86
CA ILE D 75 -21.23 -7.37 15.29
C ILE D 75 -22.52 -6.88 15.89
N GLY D 76 -23.36 -7.79 16.40
CA GLY D 76 -24.62 -7.32 16.99
C GLY D 76 -24.50 -7.10 18.49
N GLU D 77 -25.45 -6.35 19.07
CA GLU D 77 -25.48 -6.24 20.51
C GLU D 77 -26.18 -7.45 21.16
N ASP D 78 -26.55 -8.43 20.36
CA ASP D 78 -26.92 -9.75 20.91
C ASP D 78 -25.66 -10.52 21.28
N GLY D 79 -24.52 -10.04 20.79
CA GLY D 79 -23.20 -10.66 21.20
C GLY D 79 -22.76 -11.71 20.23
N LEU D 80 -23.36 -11.68 19.04
CA LEU D 80 -23.09 -12.66 18.01
C LEU D 80 -22.46 -11.93 16.85
N VAL D 81 -21.73 -12.70 16.01
CA VAL D 81 -21.03 -12.17 14.90
C VAL D 81 -21.78 -12.64 13.65
N TYR D 82 -21.99 -11.75 12.70
CA TYR D 82 -22.73 -12.05 11.51
C TYR D 82 -21.82 -12.13 10.34
N GLU D 83 -21.81 -13.32 9.73
CA GLU D 83 -20.93 -13.52 8.60
C GLU D 83 -21.33 -12.56 7.50
N GLY D 84 -20.51 -11.56 7.19
CA GLY D 84 -20.65 -10.67 5.95
C GLY D 84 -19.93 -11.35 4.81
N ARG D 85 -19.03 -10.66 4.09
CA ARG D 85 -18.23 -11.30 3.01
C ARG D 85 -17.14 -12.24 3.57
N GLY D 86 -16.86 -12.12 4.87
CA GLY D 86 -15.96 -13.12 5.54
C GLY D 86 -14.47 -12.88 5.36
N TRP D 87 -13.65 -13.89 5.67
CA TRP D 87 -12.17 -13.76 5.63
C TRP D 87 -11.55 -13.58 4.24
N ASN D 88 -12.22 -14.12 3.23
CA ASN D 88 -11.58 -14.39 1.96
C ASN D 88 -11.92 -13.44 0.83
N ILE D 89 -12.94 -12.62 1.06
CA ILE D 89 -13.53 -11.83 0.00
C ILE D 89 -13.39 -10.35 0.28
N LYS D 90 -12.76 -9.65 -0.62
CA LYS D 90 -12.60 -8.23 -0.48
C LYS D 90 -13.92 -7.52 -0.38
N GLY D 91 -14.12 -6.78 0.72
CA GLY D 91 -15.29 -6.00 0.91
C GLY D 91 -15.22 -4.56 0.42
N ALA D 92 -16.26 -3.83 0.80
CA ALA D 92 -16.49 -2.50 0.30
C ALA D 92 -16.91 -1.71 1.53
N HIS D 93 -15.96 -1.28 2.31
CA HIS D 93 -16.31 -0.60 3.56
C HIS D 93 -15.33 0.55 3.87
N ALA D 94 -14.19 0.64 3.17
CA ALA D 94 -13.24 1.76 3.44
C ALA D 94 -12.34 2.28 2.30
N GLY D 95 -12.88 2.29 1.09
CA GLY D 95 -12.25 2.95 -0.05
C GLY D 95 -11.32 2.03 -0.79
N PRO D 96 -10.92 2.40 -2.04
CA PRO D 96 -10.13 1.50 -2.90
C PRO D 96 -8.72 1.31 -2.32
N THR D 97 -8.34 2.14 -1.35
CA THR D 97 -7.05 2.02 -0.74
C THR D 97 -7.08 0.94 0.33
N TRP D 98 -8.03 1.00 1.24
CA TRP D 98 -8.07 0.02 2.35
C TRP D 98 -8.78 -1.32 2.11
N ASN D 99 -9.81 -1.30 1.24
CA ASN D 99 -10.60 -2.46 0.93
C ASN D 99 -9.80 -3.70 0.50
N PRO D 100 -8.87 -3.58 -0.49
CA PRO D 100 -8.12 -4.80 -0.90
C PRO D 100 -7.14 -5.34 0.16
N ILE D 101 -6.83 -4.56 1.16
CA ILE D 101 -5.85 -5.03 2.16
C ILE D 101 -6.33 -5.07 3.60
N SER D 102 -7.65 -5.05 3.83
CA SER D 102 -8.22 -5.10 5.18
C SER D 102 -9.36 -6.09 5.29
N ILE D 103 -9.87 -6.20 6.52
CA ILE D 103 -11.07 -6.88 6.87
C ILE D 103 -11.88 -5.80 7.56
N GLY D 104 -13.11 -5.54 7.06
CA GLY D 104 -14.00 -4.53 7.61
C GLY D 104 -15.03 -5.18 8.52
N ILE D 105 -14.99 -4.78 9.79
CA ILE D 105 -15.98 -5.24 10.72
C ILE D 105 -16.83 -4.06 11.17
N SER D 106 -18.15 -4.26 11.14
CA SER D 106 -19.12 -3.19 11.42
C SER D 106 -19.98 -3.59 12.59
N PHE D 107 -20.02 -2.75 13.62
CA PHE D 107 -20.96 -2.95 14.68
C PHE D 107 -22.27 -2.39 14.24
N MET D 108 -23.36 -3.12 14.54
CA MET D 108 -24.72 -2.71 14.15
C MET D 108 -25.32 -1.79 15.15
N GLY D 109 -25.20 -0.52 14.88
CA GLY D 109 -25.80 0.50 15.75
C GLY D 109 -25.13 1.86 15.48
N ASN D 110 -25.32 2.78 16.41
CA ASN D 110 -24.70 4.08 16.31
C ASN D 110 -24.09 4.46 17.63
N TYR D 111 -22.76 4.60 17.63
CA TYR D 111 -21.98 4.70 18.86
C TYR D 111 -21.39 6.08 19.09
N MET D 112 -22.08 7.08 18.54
CA MET D 112 -21.70 8.45 18.77
C MET D 112 -21.96 8.77 20.23
N ASN D 113 -23.10 8.30 20.74
CA ASN D 113 -23.55 8.62 22.08
C ASN D 113 -23.67 7.40 22.95
N ARG D 114 -23.46 6.23 22.38
CA ARG D 114 -23.71 5.00 23.10
C ARG D 114 -22.53 4.05 22.88
N VAL D 115 -22.22 3.23 23.88
CA VAL D 115 -21.15 2.23 23.71
C VAL D 115 -21.75 0.86 23.42
N PRO D 116 -21.09 0.05 22.58
CA PRO D 116 -21.59 -1.32 22.52
C PRO D 116 -21.40 -2.03 23.86
N PRO D 117 -22.28 -3.01 24.20
CA PRO D 117 -22.22 -3.72 25.48
C PRO D 117 -20.99 -4.67 25.51
N PRO D 118 -20.48 -5.03 26.71
CA PRO D 118 -19.34 -5.93 26.83
C PRO D 118 -19.42 -7.08 25.88
N ARG D 119 -20.49 -7.86 25.91
CA ARG D 119 -20.60 -9.03 25.04
C ARG D 119 -20.41 -8.74 23.55
N ALA D 120 -20.65 -7.51 23.13
CA ALA D 120 -20.41 -7.13 21.76
C ALA D 120 -18.92 -6.91 21.51
N LEU D 121 -18.29 -6.24 22.44
CA LEU D 121 -16.82 -6.00 22.41
C LEU D 121 -16.09 -7.37 22.44
N ARG D 122 -16.56 -8.29 23.28
CA ARG D 122 -15.92 -9.62 23.34
C ARG D 122 -16.12 -10.33 22.01
N ALA D 123 -17.31 -10.20 21.44
CA ALA D 123 -17.57 -10.95 20.19
C ALA D 123 -16.54 -10.56 19.12
N ALA D 124 -16.26 -9.27 19.03
CA ALA D 124 -15.40 -8.72 18.02
C ALA D 124 -13.87 -9.08 18.27
N GLN D 125 -13.43 -8.95 19.53
CA GLN D 125 -12.06 -9.34 19.90
C GLN D 125 -11.82 -10.81 19.64
N ASN D 126 -12.77 -11.60 20.11
CA ASN D 126 -12.69 -13.01 19.95
C ASN D 126 -12.66 -13.35 18.45
N LEU D 127 -13.39 -12.58 17.65
CA LEU D 127 -13.42 -12.85 16.24
C LEU D 127 -12.05 -12.63 15.62
N LEU D 128 -11.42 -11.55 16.07
CA LEU D 128 -10.11 -11.21 15.59
C LEU D 128 -9.12 -12.31 16.01
N ALA D 129 -9.05 -12.60 17.30
CA ALA D 129 -8.25 -13.72 17.76
C ALA D 129 -8.52 -14.91 16.83
N CYS D 130 -9.73 -15.27 16.51
CA CYS D 130 -10.03 -16.41 15.65
C CYS D 130 -9.41 -16.23 14.25
N GLY D 131 -9.41 -14.99 13.76
CA GLY D 131 -8.84 -14.72 12.41
C GLY D 131 -7.31 -14.93 12.39
N VAL D 132 -6.68 -14.57 13.50
CA VAL D 132 -5.26 -14.85 13.69
C VAL D 132 -5.04 -16.37 13.73
N ALA D 133 -5.78 -17.08 14.56
CA ALA D 133 -5.62 -18.52 14.74
C ALA D 133 -5.66 -19.27 13.44
N LEU D 134 -6.44 -18.74 12.49
CA LEU D 134 -6.72 -19.36 11.20
C LEU D 134 -5.72 -18.99 10.11
N GLY D 135 -4.91 -17.97 10.38
CA GLY D 135 -4.02 -17.39 9.38
C GLY D 135 -4.80 -16.55 8.37
N ALA D 136 -6.00 -16.06 8.75
CA ALA D 136 -6.69 -15.12 7.88
C ALA D 136 -6.17 -13.71 8.13
N LEU D 137 -5.71 -13.46 9.34
CA LEU D 137 -5.07 -12.20 9.68
C LEU D 137 -3.62 -12.41 10.10
N ARG D 138 -2.80 -11.37 10.02
CA ARG D 138 -1.43 -11.44 10.51
C ARG D 138 -1.38 -11.49 12.01
N SER D 139 -0.37 -12.20 12.53
CA SER D 139 -0.21 -12.30 14.00
C SER D 139 -0.08 -10.92 14.64
N ASN D 140 0.58 -10.03 13.90
CA ASN D 140 0.66 -8.64 14.29
C ASN D 140 -0.27 -7.68 13.49
N TYR D 141 -1.46 -8.15 13.12
CA TYR D 141 -2.43 -7.31 12.39
C TYR D 141 -2.63 -6.00 13.14
N GLU D 142 -3.05 -4.97 12.41
CA GLU D 142 -3.35 -3.65 13.00
C GLU D 142 -4.80 -3.27 12.87
N VAL D 143 -5.36 -2.69 13.94
CA VAL D 143 -6.76 -2.18 13.91
C VAL D 143 -6.71 -0.68 13.69
N LYS D 144 -7.64 -0.17 12.88
CA LYS D 144 -7.86 1.24 12.66
C LYS D 144 -9.35 1.50 12.71
N GLY D 145 -9.73 2.70 13.13
CA GLY D 145 -11.12 3.16 13.02
C GLY D 145 -11.39 3.51 11.58
N HIS D 146 -12.63 3.38 11.15
CA HIS D 146 -13.10 3.91 9.89
C HIS D 146 -12.58 5.35 9.74
N ARG D 147 -12.83 6.20 10.73
CA ARG D 147 -12.47 7.60 10.59
C ARG D 147 -10.95 7.83 10.43
N ASP D 148 -10.12 6.83 10.74
CA ASP D 148 -8.67 7.00 10.57
C ASP D 148 -8.32 6.85 9.10
N VAL D 149 -9.24 6.32 8.28
CA VAL D 149 -8.91 5.99 6.90
C VAL D 149 -9.81 6.62 5.85
N GLN D 150 -11.02 6.99 6.25
CA GLN D 150 -11.96 7.65 5.39
C GLN D 150 -12.52 8.75 6.23
N PRO D 151 -12.95 9.85 5.59
CA PRO D 151 -13.56 10.93 6.35
C PRO D 151 -15.02 10.62 6.67
N THR D 152 -15.25 10.28 7.93
CA THR D 152 -16.52 9.90 8.45
C THR D 152 -16.37 9.96 9.96
N LEU D 153 -17.50 10.00 10.66
CA LEU D 153 -17.56 9.94 12.12
C LEU D 153 -17.52 8.49 12.56
N SER D 154 -17.66 7.58 11.62
CA SER D 154 -17.70 6.19 11.96
C SER D 154 -16.33 5.81 12.50
N PRO D 155 -16.30 5.05 13.60
CA PRO D 155 -17.42 4.23 14.10
C PRO D 155 -18.15 4.79 15.31
N GLY D 156 -18.30 6.09 15.33
CA GLY D 156 -18.95 6.76 16.46
C GLY D 156 -17.95 6.97 17.59
N ASP D 157 -18.06 8.14 18.23
CA ASP D 157 -17.09 8.60 19.21
C ASP D 157 -16.81 7.60 20.30
N ARG D 158 -17.86 7.19 20.98
CA ARG D 158 -17.71 6.23 22.07
C ARG D 158 -17.02 4.94 21.63
N LEU D 159 -17.44 4.39 20.51
CA LEU D 159 -16.80 3.19 20.07
C LEU D 159 -15.37 3.43 19.62
N TYR D 160 -15.13 4.58 19.01
CA TYR D 160 -13.80 4.93 18.52
C TYR D 160 -12.87 4.97 19.75
N GLU D 161 -13.36 5.53 20.87
CA GLU D 161 -12.54 5.67 22.07
C GLU D 161 -12.06 4.31 22.59
N ILE D 162 -12.89 3.29 22.40
CA ILE D 162 -12.58 1.97 22.86
C ILE D 162 -11.63 1.24 21.95
N ILE D 163 -11.84 1.27 20.62
CA ILE D 163 -10.94 0.50 19.77
C ILE D 163 -9.51 1.01 19.94
N GLN D 164 -9.40 2.30 20.24
CA GLN D 164 -8.10 2.95 20.45
C GLN D 164 -7.25 2.33 21.56
N THR D 165 -7.91 1.76 22.56
CA THR D 165 -7.25 1.09 23.69
C THR D 165 -6.76 -0.34 23.38
N TRP D 166 -7.23 -0.89 22.26
CA TRP D 166 -6.95 -2.28 21.86
C TRP D 166 -5.46 -2.55 21.66
N SER D 167 -5.08 -3.75 22.06
CA SER D 167 -3.78 -4.37 21.85
C SER D 167 -3.28 -4.15 20.40
N HIS D 168 -4.18 -4.24 19.42
CA HIS D 168 -3.77 -4.15 18.02
C HIS D 168 -4.10 -2.81 17.35
N TYR D 169 -4.51 -1.85 18.16
CA TYR D 169 -4.73 -0.56 17.60
C TYR D 169 -3.49 0.25 17.19
N ARG D 170 -3.46 0.64 15.92
CA ARG D 170 -2.42 1.54 15.39
C ARG D 170 -2.97 2.57 14.42
N ALA D 171 -3.14 3.83 14.85
CA ALA D 171 -3.76 4.92 14.00
C ALA D 171 -2.96 5.26 12.75
C1 STE E . 5.08 -9.55 4.02
O1 STE E . 4.52 -10.06 3.06
O2 STE E . 5.35 -10.18 5.03
C2 STE E . 5.44 -8.11 3.95
C3 STE E . 6.24 -7.71 5.18
C4 STE E . 7.12 -6.50 4.87
C5 STE E . 7.62 -5.84 6.13
C6 STE E . 8.93 -5.14 5.86
C7 STE E . 8.83 -3.69 5.42
C8 STE E . 9.98 -3.31 4.50
C9 STE E . 10.24 -4.38 3.46
C10 STE E . 9.24 -5.52 3.61
C11 STE E . 8.73 -6.02 2.26
C12 STE E . 8.39 -4.90 1.28
C13 STE E . 6.91 -4.51 1.28
C14 STE E . 6.38 -4.02 2.64
C15 STE E . 5.93 -2.56 2.54
C16 STE E . 5.93 -1.82 3.89
C17 STE E . 6.37 -0.37 3.78
C18 STE E . 7.23 0.10 4.92
#